data_2VVM
#
_entry.id   2VVM
#
_cell.length_a   107.419
_cell.length_b   107.419
_cell.length_c   235.400
_cell.angle_alpha   90.00
_cell.angle_beta   90.00
_cell.angle_gamma   90.00
#
_symmetry.space_group_name_H-M   'P 43 21 2'
#
loop_
_entity.id
_entity.type
_entity.pdbx_description
1 polymer 'MONOAMINE OXIDASE N'
2 non-polymer 'FLAVIN-ADENINE DINUCLEOTIDE'
3 non-polymer PROLINE
4 non-polymer 1,2-ETHANEDIOL
5 water water
#
_entity_poly.entity_id   1
_entity_poly.type   'polypeptide(L)'
_entity_poly.pdbx_seq_one_letter_code
;MTSRDGYQWTPETGLTQGVPSLGVISPPTNIEDTDKDGPWDVIVIGGGYCGLTATRDLTVAGFKTLLLEARDRIGGRSWS
SNIDGYPYEMGGTWVHWHQSHVWREITRYKMHNALSPSFNFSRGVNHFQLRTNPTTSTYMTHEAEDELLRSALHKFTNVD
GTNGRTVLPFPHDMFYVPEFRKYDEMSYSERIDQIRDELSLNERSSLEAFILLCSGGTLENSSFGEFLHWWAMSGYTYQG
CMDCLMSYKFKDGQSAFARRFWEEAAGTGRLGYVFGCPVRSVVNERDAARVTARDGREFVAKRVVCTIPLNVLSTIQFSP
ALSTERISAMQAGHVSMCTKVHAEVDNKDMRSWTGIAYPFNKLCYAIGDGTTPAGNTHLVCFGNSANHIQPDEDVRETLK
AVGQLAPGTFGVKRLVFHNWVKDEFAKGAWFFSRPGMVSECLQGLREKHGGVVFANSDWALGWRSFIDGAIEEGTRAARV
VLEELGTKREVKARL
;
_entity_poly.pdbx_strand_id   A,B
#
loop_
_chem_comp.id
_chem_comp.type
_chem_comp.name
_chem_comp.formula
EDO non-polymer 1,2-ETHANEDIOL 'C2 H6 O2'
FAD non-polymer 'FLAVIN-ADENINE DINUCLEOTIDE' 'C27 H33 N9 O15 P2'
#
# COMPACT_ATOMS: atom_id res chain seq x y z
N MET A 1 -4.06 -25.36 -20.62
CA MET A 1 -3.94 -25.09 -22.09
C MET A 1 -2.65 -24.36 -22.45
N THR A 2 -2.26 -24.45 -23.73
CA THR A 2 -0.99 -23.93 -24.21
C THR A 2 -1.15 -22.57 -24.89
N SER A 3 -0.34 -21.60 -24.47
CA SER A 3 -0.28 -20.29 -25.12
C SER A 3 0.67 -20.34 -26.30
N ARG A 4 0.47 -19.45 -27.27
CA ARG A 4 1.46 -19.24 -28.33
C ARG A 4 2.73 -18.58 -27.79
N ASP A 5 2.59 -17.89 -26.66
CA ASP A 5 3.70 -17.17 -26.03
C ASP A 5 4.61 -18.12 -25.26
N GLY A 6 5.84 -17.67 -25.02
CA GLY A 6 6.78 -18.40 -24.18
C GLY A 6 7.68 -19.35 -24.96
N TYR A 7 8.76 -19.75 -24.29
CA TYR A 7 9.68 -20.76 -24.79
C TYR A 7 10.10 -21.66 -23.65
N GLN A 8 10.48 -22.89 -24.01
CA GLN A 8 11.06 -23.83 -23.09
C GLN A 8 12.19 -24.57 -23.81
N TRP A 9 13.23 -24.92 -23.05
CA TRP A 9 14.32 -25.75 -23.55
C TRP A 9 14.68 -26.84 -22.55
N THR A 10 14.86 -28.07 -23.05
CA THR A 10 15.49 -29.14 -22.28
C THR A 10 16.49 -29.83 -23.22
N PRO A 11 17.52 -30.51 -22.65
CA PRO A 11 18.46 -31.26 -23.48
C PRO A 11 17.74 -32.26 -24.39
N GLU A 12 16.72 -32.91 -23.86
CA GLU A 12 15.99 -33.98 -24.55
C GLU A 12 15.11 -33.45 -25.68
N THR A 13 14.45 -32.31 -25.48
CA THR A 13 13.46 -31.79 -26.43
C THR A 13 13.93 -30.63 -27.29
N GLY A 14 15.07 -30.03 -26.94
CA GLY A 14 15.52 -28.81 -27.61
C GLY A 14 14.62 -27.62 -27.30
N LEU A 15 14.67 -26.60 -28.15
CA LEU A 15 13.88 -25.37 -27.94
C LEU A 15 12.50 -25.47 -28.58
N THR A 16 11.46 -25.29 -27.76
CA THR A 16 10.09 -25.30 -28.26
C THR A 16 9.32 -24.03 -27.90
N GLN A 17 8.50 -23.56 -28.83
CA GLN A 17 7.65 -22.39 -28.67
C GLN A 17 6.30 -22.76 -28.09
N GLY A 18 5.82 -21.93 -27.17
CA GLY A 18 4.51 -22.12 -26.57
C GLY A 18 4.58 -22.94 -25.30
N VAL A 19 4.01 -22.41 -24.23
CA VAL A 19 4.02 -23.08 -22.93
C VAL A 19 2.63 -22.98 -22.30
N PRO A 20 2.31 -23.86 -21.33
CA PRO A 20 0.98 -23.79 -20.73
C PRO A 20 0.78 -22.53 -19.89
N SER A 21 -0.46 -22.07 -19.79
CA SER A 21 -0.80 -20.99 -18.85
C SER A 21 -2.27 -21.00 -18.53
N LEU A 22 -2.57 -20.85 -17.23
CA LEU A 22 -3.94 -20.63 -16.76
C LEU A 22 -4.52 -19.34 -17.33
N GLY A 23 -3.65 -18.48 -17.87
CA GLY A 23 -4.06 -17.23 -18.50
C GLY A 23 -4.75 -17.43 -19.83
N VAL A 24 -4.54 -18.58 -20.47
CA VAL A 24 -5.16 -18.87 -21.76
C VAL A 24 -6.66 -19.04 -21.55
N ILE A 25 -7.45 -18.30 -22.33
CA ILE A 25 -8.91 -18.31 -22.22
C ILE A 25 -9.54 -19.14 -23.34
N SER A 26 -10.29 -20.16 -22.94
CA SER A 26 -10.98 -21.02 -23.90
C SER A 26 -12.45 -21.21 -23.50
N PRO A 27 -13.39 -21.05 -24.45
CA PRO A 27 -13.17 -20.63 -25.84
C PRO A 27 -12.70 -19.17 -25.93
N PRO A 28 -12.04 -18.80 -27.05
CA PRO A 28 -11.45 -17.46 -27.16
C PRO A 28 -12.46 -16.31 -27.30
N THR A 29 -13.74 -16.64 -27.46
CA THR A 29 -14.79 -15.63 -27.53
C THR A 29 -16.12 -16.14 -26.97
N ASN A 30 -16.95 -15.21 -26.50
CA ASN A 30 -18.31 -15.56 -26.08
C ASN A 30 -19.38 -14.77 -26.83
N ILE A 31 -18.98 -14.10 -27.90
CA ILE A 31 -19.93 -13.26 -28.66
C ILE A 31 -20.06 -13.69 -30.13
N GLY A 38 -23.87 -6.12 -29.72
CA GLY A 38 -24.06 -5.63 -28.36
C GLY A 38 -25.49 -5.18 -28.07
N PRO A 39 -25.68 -3.86 -27.82
CA PRO A 39 -24.68 -2.79 -27.82
C PRO A 39 -23.77 -2.79 -26.58
N TRP A 40 -22.62 -2.11 -26.69
CA TRP A 40 -21.62 -2.09 -25.62
C TRP A 40 -21.47 -0.70 -25.00
N ASP A 41 -21.57 -0.64 -23.68
CA ASP A 41 -21.27 0.59 -22.94
C ASP A 41 -19.79 0.94 -23.09
N VAL A 42 -18.92 -0.05 -22.89
CA VAL A 42 -17.47 0.15 -22.92
C VAL A 42 -16.76 -0.97 -23.66
N ILE A 43 -15.73 -0.61 -24.43
CA ILE A 43 -14.73 -1.56 -24.91
C ILE A 43 -13.43 -1.33 -24.16
N VAL A 44 -12.88 -2.41 -23.61
CA VAL A 44 -11.55 -2.38 -22.99
C VAL A 44 -10.59 -3.13 -23.92
N ILE A 45 -9.55 -2.42 -24.38
CA ILE A 45 -8.54 -3.02 -25.23
C ILE A 45 -7.36 -3.47 -24.36
N GLY A 46 -7.07 -4.77 -24.37
CA GLY A 46 -5.98 -5.34 -23.60
C GLY A 46 -6.46 -5.93 -22.28
N GLY A 47 -6.09 -7.19 -22.04
CA GLY A 47 -6.45 -7.90 -20.81
C GLY A 47 -5.27 -8.17 -19.89
N GLY A 48 -4.35 -7.21 -19.81
CA GLY A 48 -3.34 -7.20 -18.74
C GLY A 48 -4.01 -6.76 -17.46
N TYR A 49 -3.24 -6.55 -16.40
CA TYR A 49 -3.83 -6.14 -15.12
C TYR A 49 -4.63 -4.82 -15.18
N CYS A 50 -4.22 -3.91 -16.07
CA CYS A 50 -4.91 -2.64 -16.21
C CYS A 50 -6.32 -2.86 -16.79
N GLY A 51 -6.36 -3.52 -17.95
CA GLY A 51 -7.63 -3.90 -18.58
C GLY A 51 -8.50 -4.80 -17.70
N LEU A 52 -7.91 -5.75 -16.99
CA LEU A 52 -8.66 -6.64 -16.10
C LEU A 52 -9.31 -5.88 -14.92
N THR A 53 -8.57 -4.95 -14.34
CA THR A 53 -9.08 -4.11 -13.25
C THR A 53 -10.23 -3.24 -13.73
N ALA A 54 -10.03 -2.56 -14.86
CA ALA A 54 -11.05 -1.68 -15.46
C ALA A 54 -12.31 -2.47 -15.78
N THR A 55 -12.11 -3.64 -16.41
CA THR A 55 -13.23 -4.52 -16.80
C THR A 55 -13.99 -5.03 -15.58
N ARG A 56 -13.28 -5.46 -14.56
CA ARG A 56 -13.91 -5.94 -13.35
C ARG A 56 -14.74 -4.83 -12.69
N ASP A 57 -14.11 -3.67 -12.48
CA ASP A 57 -14.81 -2.51 -11.91
C ASP A 57 -16.06 -2.14 -12.71
N LEU A 58 -15.92 -2.07 -14.03
CA LEU A 58 -17.01 -1.63 -14.91
C LEU A 58 -18.19 -2.61 -14.90
N THR A 59 -17.90 -3.90 -15.09
CA THR A 59 -18.93 -4.94 -15.07
C THR A 59 -19.64 -5.05 -13.72
N VAL A 60 -18.88 -4.96 -12.63
CA VAL A 60 -19.48 -4.96 -11.29
C VAL A 60 -20.39 -3.73 -11.09
N ALA A 61 -20.00 -2.59 -11.67
CA ALA A 61 -20.79 -1.36 -11.56
C ALA A 61 -21.98 -1.34 -12.52
N GLY A 62 -22.10 -2.37 -13.34
CA GLY A 62 -23.29 -2.56 -14.17
C GLY A 62 -23.14 -2.27 -15.66
N PHE A 63 -21.91 -2.00 -16.10
CA PHE A 63 -21.66 -1.68 -17.50
C PHE A 63 -21.45 -2.92 -18.35
N LYS A 64 -22.13 -2.98 -19.49
CA LYS A 64 -21.91 -4.03 -20.47
C LYS A 64 -20.58 -3.75 -21.16
N THR A 65 -19.60 -4.62 -20.91
CA THR A 65 -18.22 -4.36 -21.26
C THR A 65 -17.65 -5.44 -22.17
N LEU A 66 -17.06 -5.00 -23.29
CA LEU A 66 -16.42 -5.89 -24.24
C LEU A 66 -14.90 -5.77 -24.15
N LEU A 67 -14.24 -6.86 -23.77
CA LEU A 67 -12.78 -6.89 -23.72
C LEU A 67 -12.19 -7.50 -25.00
N LEU A 68 -11.34 -6.72 -25.66
CA LEU A 68 -10.64 -7.16 -26.86
C LEU A 68 -9.16 -7.32 -26.57
N GLU A 69 -8.64 -8.51 -26.82
CA GLU A 69 -7.25 -8.83 -26.53
C GLU A 69 -6.55 -9.45 -27.75
N ALA A 70 -5.38 -8.92 -28.08
CA ALA A 70 -4.55 -9.43 -29.17
C ALA A 70 -4.08 -10.87 -28.97
N ARG A 71 -3.70 -11.20 -27.73
CA ARG A 71 -3.14 -12.51 -27.40
C ARG A 71 -4.22 -13.58 -27.20
N ASP A 72 -3.79 -14.81 -26.95
CA ASP A 72 -4.69 -15.92 -26.59
C ASP A 72 -4.90 -16.04 -25.08
N ARG A 73 -4.37 -15.07 -24.34
CA ARG A 73 -4.38 -15.14 -22.88
C ARG A 73 -4.57 -13.77 -22.22
N ILE A 74 -4.86 -13.80 -20.92
CA ILE A 74 -4.87 -12.60 -20.08
C ILE A 74 -3.51 -12.46 -19.38
N GLY A 75 -3.31 -11.32 -18.69
CA GLY A 75 -2.07 -11.09 -17.95
C GLY A 75 -1.12 -10.08 -18.57
N GLY A 76 -1.14 -9.98 -19.91
CA GLY A 76 -0.26 -9.06 -20.63
C GLY A 76 1.21 -9.33 -20.32
N ARG A 77 1.87 -8.33 -19.73
CA ARG A 77 3.29 -8.42 -19.35
C ARG A 77 3.57 -9.19 -18.05
N SER A 78 2.52 -9.84 -17.51
CA SER A 78 2.65 -10.72 -16.36
C SER A 78 1.82 -11.98 -16.58
N TRP A 79 2.49 -13.13 -16.54
CA TRP A 79 1.80 -14.42 -16.66
C TRP A 79 2.72 -15.56 -16.25
N SER A 80 2.11 -16.64 -15.79
CA SER A 80 2.89 -17.78 -15.31
C SER A 80 2.59 -19.04 -16.10
N SER A 81 3.60 -19.88 -16.25
CA SER A 81 3.48 -21.17 -16.92
C SER A 81 3.81 -22.29 -15.94
N ASN A 82 2.83 -23.15 -15.66
CA ASN A 82 3.07 -24.28 -14.77
C ASN A 82 3.68 -25.43 -15.57
N ILE A 83 4.98 -25.69 -15.32
CA ILE A 83 5.71 -26.74 -16.02
C ILE A 83 6.22 -27.74 -14.97
N ASP A 84 5.77 -28.99 -15.08
CA ASP A 84 6.04 -30.03 -14.08
C ASP A 84 5.78 -29.54 -12.65
N GLY A 85 4.64 -28.89 -12.47
CA GLY A 85 4.19 -28.47 -11.15
C GLY A 85 4.81 -27.21 -10.57
N TYR A 86 5.57 -26.48 -11.38
CA TYR A 86 6.24 -25.25 -10.91
C TYR A 86 5.82 -24.05 -11.75
N PRO A 87 5.37 -22.97 -11.09
CA PRO A 87 5.01 -21.78 -11.85
C PRO A 87 6.23 -20.96 -12.26
N TYR A 88 6.48 -20.89 -13.55
CA TYR A 88 7.54 -20.05 -14.08
C TYR A 88 6.96 -18.69 -14.43
N GLU A 89 7.51 -17.65 -13.83
CA GLU A 89 7.01 -16.30 -14.03
C GLU A 89 7.65 -15.64 -15.24
N MET A 90 6.88 -15.57 -16.32
CA MET A 90 7.38 -15.14 -17.61
C MET A 90 7.69 -13.64 -17.66
N GLY A 91 6.94 -12.86 -16.87
CA GLY A 91 7.10 -11.40 -16.80
C GLY A 91 6.95 -10.92 -15.37
N GLY A 92 6.05 -9.96 -15.16
CA GLY A 92 5.80 -9.40 -13.83
C GLY A 92 5.58 -10.45 -12.76
N THR A 93 6.34 -10.34 -11.66
CA THR A 93 6.39 -11.40 -10.65
C THR A 93 6.09 -10.96 -9.21
N TRP A 94 6.86 -9.97 -8.73
CA TRP A 94 6.92 -9.71 -7.29
C TRP A 94 5.96 -8.64 -6.84
N VAL A 95 5.46 -8.80 -5.62
CA VAL A 95 4.46 -7.90 -5.02
C VAL A 95 4.76 -7.70 -3.54
N HIS A 96 4.15 -6.67 -2.94
CA HIS A 96 4.34 -6.39 -1.51
C HIS A 96 3.17 -5.57 -1.00
N TRP A 97 2.93 -5.63 0.31
CA TRP A 97 1.84 -4.86 0.93
C TRP A 97 2.10 -3.34 0.97
N HIS A 98 3.31 -2.92 0.64
CA HIS A 98 3.60 -1.48 0.45
C HIS A 98 3.23 -1.00 -0.95
N GLN A 99 2.66 -1.90 -1.74
CA GLN A 99 2.16 -1.56 -3.07
C GLN A 99 0.65 -1.57 -2.97
N SER A 100 0.07 -0.38 -2.88
CA SER A 100 -1.33 -0.18 -2.48
C SER A 100 -2.36 -0.92 -3.32
N HIS A 101 -2.25 -0.79 -4.63
CA HIS A 101 -3.29 -1.26 -5.54
C HIS A 101 -3.24 -2.77 -5.72
N VAL A 102 -2.05 -3.33 -5.93
CA VAL A 102 -1.94 -4.78 -6.02
C VAL A 102 -2.30 -5.46 -4.68
N TRP A 103 -1.84 -4.88 -3.56
CA TRP A 103 -2.15 -5.48 -2.26
C TRP A 103 -3.65 -5.42 -1.91
N ARG A 104 -4.31 -4.34 -2.33
CA ARG A 104 -5.74 -4.22 -2.12
C ARG A 104 -6.46 -5.39 -2.80
N GLU A 105 -6.07 -5.65 -4.04
CA GLU A 105 -6.65 -6.76 -4.83
C GLU A 105 -6.32 -8.11 -4.22
N ILE A 106 -5.07 -8.27 -3.80
CA ILE A 106 -4.60 -9.51 -3.16
C ILE A 106 -5.43 -9.84 -1.91
N THR A 107 -5.63 -8.82 -1.07
CA THR A 107 -6.39 -8.98 0.17
C THR A 107 -7.89 -9.24 -0.11
N ARG A 108 -8.46 -8.47 -1.01
CA ARG A 108 -9.89 -8.62 -1.37
C ARG A 108 -10.18 -10.01 -1.97
N TYR A 109 -9.25 -10.51 -2.78
CA TYR A 109 -9.35 -11.88 -3.32
C TYR A 109 -8.82 -12.94 -2.36
N LYS A 110 -8.50 -12.54 -1.14
CA LYS A 110 -8.03 -13.45 -0.07
C LYS A 110 -6.83 -14.32 -0.48
N MET A 111 -5.84 -13.68 -1.12
CA MET A 111 -4.61 -14.36 -1.55
C MET A 111 -3.38 -13.86 -0.76
N HIS A 112 -3.63 -13.08 0.29
CA HIS A 112 -2.58 -12.55 1.17
C HIS A 112 -1.74 -13.65 1.82
N ASN A 113 -2.35 -14.83 1.97
CA ASN A 113 -1.63 -15.96 2.56
CA ASN A 113 -1.72 -16.01 2.56
C ASN A 113 -1.17 -16.97 1.51
N ALA A 114 -1.18 -16.56 0.25
CA ALA A 114 -0.78 -17.43 -0.86
C ALA A 114 0.50 -16.97 -1.54
N LEU A 115 1.39 -16.37 -0.75
CA LEU A 115 2.69 -15.94 -1.25
C LEU A 115 3.81 -16.86 -0.80
N SER A 116 4.92 -16.77 -1.51
CA SER A 116 6.12 -17.54 -1.23
C SER A 116 7.33 -16.59 -1.28
N PRO A 117 8.28 -16.74 -0.34
CA PRO A 117 9.48 -15.92 -0.42
C PRO A 117 10.49 -16.46 -1.43
N SER A 118 10.99 -15.57 -2.28
CA SER A 118 12.00 -15.93 -3.26
C SER A 118 13.34 -16.31 -2.61
N PHE A 119 13.75 -15.55 -1.60
CA PHE A 119 15.04 -15.79 -0.95
C PHE A 119 14.90 -16.84 0.15
N ASN A 120 15.84 -17.78 0.16
CA ASN A 120 15.94 -18.77 1.22
C ASN A 120 17.41 -19.08 1.45
N PHE A 121 17.92 -18.65 2.61
CA PHE A 121 19.34 -18.81 2.90
C PHE A 121 19.61 -19.89 3.96
N SER A 122 18.63 -20.75 4.21
CA SER A 122 18.70 -21.74 5.28
C SER A 122 19.64 -22.94 4.99
N ARG A 123 19.94 -23.18 3.72
CA ARG A 123 20.84 -24.28 3.33
C ARG A 123 21.60 -23.94 2.06
N GLY A 124 22.65 -24.71 1.76
CA GLY A 124 23.37 -24.53 0.50
C GLY A 124 24.54 -23.59 0.61
N VAL A 125 24.99 -23.08 -0.54
CA VAL A 125 26.23 -22.29 -0.63
C VAL A 125 26.16 -20.98 0.16
N ASN A 126 24.94 -20.44 0.29
CA ASN A 126 24.67 -19.29 1.16
C ASN A 126 25.71 -18.19 0.94
N HIS A 127 25.94 -17.83 -0.33
CA HIS A 127 26.82 -16.73 -0.66
C HIS A 127 26.39 -15.91 -1.88
N PHE A 128 26.99 -14.71 -1.97
CA PHE A 128 26.85 -13.81 -3.10
C PHE A 128 28.11 -13.96 -3.92
N GLN A 129 27.93 -14.23 -5.21
CA GLN A 129 29.04 -14.36 -6.15
C GLN A 129 29.13 -13.15 -7.08
N LEU A 130 30.15 -12.33 -6.87
CA LEU A 130 30.38 -11.14 -7.68
C LEU A 130 31.48 -11.40 -8.70
N ARG A 131 31.16 -11.22 -9.97
CA ARG A 131 32.11 -11.38 -11.03
C ARG A 131 32.27 -10.07 -11.80
N THR A 132 33.48 -9.52 -11.79
CA THR A 132 33.74 -8.25 -12.49
C THR A 132 34.63 -8.43 -13.72
N ASN A 133 35.12 -9.65 -13.91
CA ASN A 133 35.82 -10.04 -15.13
C ASN A 133 35.57 -11.52 -15.42
N PRO A 134 35.78 -11.96 -16.68
CA PRO A 134 35.42 -13.32 -17.08
C PRO A 134 36.23 -14.44 -16.41
N THR A 135 37.33 -14.11 -15.75
CA THR A 135 38.27 -15.13 -15.29
C THR A 135 38.19 -15.50 -13.80
N THR A 136 37.63 -14.60 -12.98
CA THR A 136 37.63 -14.78 -11.52
C THR A 136 36.25 -14.52 -10.92
N SER A 137 36.13 -14.75 -9.62
CA SER A 137 34.92 -14.44 -8.87
C SER A 137 35.32 -13.95 -7.47
N THR A 138 34.51 -13.06 -6.91
CA THR A 138 34.61 -12.70 -5.50
C THR A 138 33.40 -13.27 -4.79
N TYR A 139 33.64 -13.97 -3.69
CA TYR A 139 32.56 -14.53 -2.89
C TYR A 139 32.44 -13.79 -1.57
N MET A 140 31.21 -13.58 -1.13
CA MET A 140 30.96 -12.96 0.17
C MET A 140 29.63 -13.42 0.78
N THR A 141 29.49 -13.21 2.09
CA THR A 141 28.24 -13.53 2.77
C THR A 141 27.14 -12.61 2.23
N HIS A 142 25.89 -13.00 2.43
CA HIS A 142 24.77 -12.16 2.03
C HIS A 142 24.71 -10.89 2.91
N GLU A 143 25.21 -10.99 4.14
CA GLU A 143 25.37 -9.81 4.99
C GLU A 143 26.35 -8.81 4.37
N ALA A 144 27.48 -9.32 3.86
CA ALA A 144 28.46 -8.47 3.17
C ALA A 144 27.92 -7.91 1.86
N GLU A 145 27.15 -8.73 1.14
CA GLU A 145 26.42 -8.30 -0.07
C GLU A 145 25.50 -7.10 0.25
N ASP A 146 24.71 -7.27 1.30
CA ASP A 146 23.81 -6.20 1.76
CA ASP A 146 23.82 -6.20 1.78
C ASP A 146 24.58 -4.91 2.02
N GLU A 147 25.73 -5.04 2.69
CA GLU A 147 26.53 -3.89 3.07
C GLU A 147 27.11 -3.17 1.85
N LEU A 148 27.58 -3.96 0.89
CA LEU A 148 28.12 -3.43 -0.36
C LEU A 148 27.05 -2.63 -1.11
N LEU A 149 25.90 -3.23 -1.36
CA LEU A 149 24.85 -2.54 -2.04
C LEU A 149 24.31 -1.34 -1.28
N ARG A 150 24.14 -1.46 0.02
CA ARG A 150 23.70 -0.34 0.84
CA ARG A 150 23.70 -0.35 0.85
C ARG A 150 24.67 0.84 0.67
N SER A 151 25.96 0.55 0.72
CA SER A 151 26.99 1.58 0.57
C SER A 151 26.91 2.29 -0.79
N ALA A 152 26.88 1.49 -1.86
CA ALA A 152 26.86 2.01 -3.23
C ALA A 152 25.57 2.79 -3.53
N LEU A 153 24.43 2.24 -3.11
CA LEU A 153 23.14 2.90 -3.33
C LEU A 153 22.97 4.16 -2.47
N HIS A 154 23.59 4.18 -1.29
CA HIS A 154 23.61 5.39 -0.49
C HIS A 154 24.28 6.53 -1.27
N LYS A 155 25.46 6.26 -1.83
CA LYS A 155 26.21 7.28 -2.58
C LYS A 155 25.42 7.71 -3.83
N PHE A 156 24.85 6.73 -4.52
CA PHE A 156 24.10 7.00 -5.74
C PHE A 156 22.88 7.91 -5.50
N THR A 157 22.12 7.63 -4.45
CA THR A 157 20.84 8.29 -4.24
C THR A 157 20.92 9.57 -3.41
N ASN A 158 22.05 9.78 -2.71
CA ASN A 158 22.16 10.92 -1.78
C ASN A 158 22.43 12.28 -2.45
N VAL A 159 21.59 12.66 -3.41
CA VAL A 159 21.73 13.93 -4.10
C VAL A 159 21.32 15.14 -3.26
N ASP A 160 20.58 14.88 -2.19
CA ASP A 160 19.96 15.97 -1.41
C ASP A 160 20.27 15.89 0.08
N GLY A 161 21.19 15.00 0.44
CA GLY A 161 21.56 14.79 1.83
C GLY A 161 20.65 13.83 2.59
N THR A 162 19.53 13.43 1.98
CA THR A 162 18.56 12.56 2.66
C THR A 162 18.13 11.39 1.76
N ASN A 163 19.00 11.01 0.82
CA ASN A 163 18.70 9.93 -0.14
C ASN A 163 17.37 10.11 -0.87
N GLY A 164 17.04 11.33 -1.22
CA GLY A 164 15.85 11.58 -2.04
C GLY A 164 14.63 12.11 -1.29
N ARG A 165 14.65 12.05 0.04
CA ARG A 165 13.50 12.49 0.84
C ARG A 165 13.20 13.98 0.75
N THR A 166 14.21 14.79 0.43
CA THR A 166 14.06 16.24 0.35
C THR A 166 13.58 16.65 -1.04
N VAL A 167 14.18 16.08 -2.06
CA VAL A 167 13.83 16.43 -3.42
C VAL A 167 12.59 15.69 -3.93
N LEU A 168 12.27 14.55 -3.32
CA LEU A 168 11.10 13.78 -3.74
C LEU A 168 10.34 13.23 -2.53
N PRO A 169 9.79 14.14 -1.69
CA PRO A 169 9.06 13.72 -0.49
C PRO A 169 7.73 13.03 -0.85
N PHE A 170 7.13 13.45 -1.97
CA PHE A 170 5.85 12.92 -2.42
C PHE A 170 6.03 12.35 -3.83
N PRO A 171 6.42 11.07 -3.94
CA PRO A 171 6.76 10.54 -5.27
C PRO A 171 5.58 10.52 -6.26
N HIS A 172 4.35 10.56 -5.75
CA HIS A 172 3.15 10.67 -6.60
C HIS A 172 3.00 12.06 -7.25
N ASP A 173 3.80 13.02 -6.79
CA ASP A 173 3.74 14.40 -7.26
C ASP A 173 5.18 14.86 -7.51
N MET A 174 5.71 14.52 -8.68
CA MET A 174 7.14 14.71 -8.93
C MET A 174 7.60 16.17 -8.94
N PHE A 175 6.68 17.09 -9.25
CA PHE A 175 7.01 18.52 -9.29
C PHE A 175 6.78 19.24 -7.95
N TYR A 176 6.43 18.49 -6.91
CA TYR A 176 6.22 19.10 -5.59
C TYR A 176 7.44 19.93 -5.18
N VAL A 177 8.63 19.39 -5.43
CA VAL A 177 9.89 20.13 -5.25
C VAL A 177 10.52 20.34 -6.64
N PRO A 178 10.77 21.62 -7.00
CA PRO A 178 11.38 22.01 -8.28
C PRO A 178 12.73 21.36 -8.60
N GLU A 179 13.54 21.10 -7.59
CA GLU A 179 14.85 20.45 -7.80
C GLU A 179 14.76 19.05 -8.41
N PHE A 180 13.58 18.42 -8.36
CA PHE A 180 13.48 17.03 -8.85
C PHE A 180 13.62 16.89 -10.35
N ARG A 181 13.04 17.82 -11.10
CA ARG A 181 13.07 17.73 -12.56
C ARG A 181 14.47 17.51 -13.13
N LYS A 182 15.48 18.21 -12.59
CA LYS A 182 16.84 18.05 -13.09
C LYS A 182 17.38 16.61 -12.91
N TYR A 183 16.89 15.91 -11.90
CA TYR A 183 17.26 14.50 -11.72
C TYR A 183 16.49 13.60 -12.67
N ASP A 184 15.21 13.89 -12.92
CA ASP A 184 14.49 13.17 -13.97
C ASP A 184 15.21 13.30 -15.32
N GLU A 185 15.80 14.49 -15.54
CA GLU A 185 16.53 14.83 -16.76
C GLU A 185 17.98 14.33 -16.83
N MET A 186 18.42 13.69 -15.74
CA MET A 186 19.78 13.18 -15.63
C MET A 186 19.79 11.70 -15.97
N SER A 187 20.83 11.24 -16.66
CA SER A 187 21.00 9.80 -16.93
C SER A 187 21.75 9.11 -15.80
N TYR A 188 21.66 7.78 -15.75
CA TYR A 188 22.47 6.97 -14.84
C TYR A 188 23.96 7.34 -14.94
N SER A 189 24.46 7.44 -16.18
CA SER A 189 25.87 7.76 -16.43
CA SER A 189 25.87 7.75 -16.42
C SER A 189 26.27 9.13 -15.89
N GLU A 190 25.37 10.11 -16.05
CA GLU A 190 25.64 11.46 -15.56
C GLU A 190 25.72 11.49 -14.03
N ARG A 191 24.85 10.72 -13.37
CA ARG A 191 24.89 10.62 -11.89
C ARG A 191 26.15 9.90 -11.39
N ILE A 192 26.47 8.76 -12.00
CA ILE A 192 27.68 8.02 -11.61
C ILE A 192 28.93 8.89 -11.78
N ASP A 193 28.95 9.69 -12.83
CA ASP A 193 30.06 10.61 -13.10
C ASP A 193 30.31 11.58 -11.92
N GLN A 194 29.23 11.99 -11.25
CA GLN A 194 29.32 12.88 -10.09
C GLN A 194 29.90 12.22 -8.84
N ILE A 195 29.87 10.89 -8.78
CA ILE A 195 30.34 10.18 -7.60
C ILE A 195 31.42 9.13 -7.91
N ARG A 196 31.91 9.10 -9.15
CA ARG A 196 32.79 8.02 -9.63
C ARG A 196 34.01 7.76 -8.75
N ASP A 197 34.66 8.84 -8.29
CA ASP A 197 35.86 8.76 -7.46
C ASP A 197 35.60 8.25 -6.04
N GLU A 198 34.39 8.16 -5.76
CA GLU A 198 33.97 7.75 -4.41
C GLU A 198 33.61 6.27 -4.33
N LEU A 199 33.57 5.57 -5.46
CA LEU A 199 33.15 4.18 -5.58
C LEU A 199 34.29 3.23 -5.86
N SER A 200 34.42 2.19 -5.04
CA SER A 200 35.30 1.06 -5.37
C SER A 200 34.78 0.34 -6.60
N LEU A 201 35.62 -0.50 -7.22
CA LEU A 201 35.18 -1.34 -8.33
C LEU A 201 33.97 -2.19 -7.93
N ASN A 202 34.02 -2.78 -6.73
CA ASN A 202 32.95 -3.64 -6.25
C ASN A 202 31.65 -2.85 -6.01
N GLU A 203 31.79 -1.64 -5.45
CA GLU A 203 30.65 -0.74 -5.27
C GLU A 203 30.01 -0.34 -6.60
N ARG A 204 30.83 0.14 -7.54
CA ARG A 204 30.32 0.61 -8.82
CA ARG A 204 30.33 0.60 -8.82
C ARG A 204 29.74 -0.53 -9.67
N SER A 205 30.40 -1.70 -9.64
CA SER A 205 29.95 -2.85 -10.41
C SER A 205 28.60 -3.34 -9.92
N SER A 206 28.46 -3.52 -8.60
CA SER A 206 27.20 -3.97 -8.04
C SER A 206 26.11 -2.89 -8.20
N LEU A 207 26.50 -1.62 -8.06
CA LEU A 207 25.56 -0.49 -8.25
C LEU A 207 24.99 -0.46 -9.67
N GLU A 208 25.89 -0.47 -10.66
CA GLU A 208 25.47 -0.40 -12.06
C GLU A 208 24.61 -1.60 -12.44
N ALA A 209 25.01 -2.79 -12.00
CA ALA A 209 24.18 -4.00 -12.16
C ALA A 209 22.77 -3.82 -11.59
N PHE A 210 22.68 -3.35 -10.36
CA PHE A 210 21.39 -3.16 -9.70
C PHE A 210 20.50 -2.12 -10.39
N ILE A 211 21.04 -0.96 -10.72
CA ILE A 211 20.24 0.09 -11.37
C ILE A 211 19.85 -0.29 -12.81
N LEU A 212 20.70 -1.05 -13.49
CA LEU A 212 20.38 -1.54 -14.85
C LEU A 212 19.41 -2.72 -14.81
N LEU A 213 19.44 -3.49 -13.72
CA LEU A 213 18.41 -4.49 -13.45
C LEU A 213 17.05 -3.78 -13.47
N CYS A 214 16.98 -2.65 -12.76
CA CYS A 214 15.75 -1.88 -12.64
C CYS A 214 15.32 -1.20 -13.96
N SER A 215 16.27 -0.67 -14.73
CA SER A 215 15.91 0.05 -15.95
C SER A 215 15.78 -0.84 -17.18
N GLY A 216 16.47 -1.97 -17.20
CA GLY A 216 16.55 -2.82 -18.39
C GLY A 216 17.22 -2.13 -19.58
N GLY A 217 17.79 -0.95 -19.34
CA GLY A 217 18.33 -0.13 -20.42
C GLY A 217 19.85 -0.04 -20.41
N THR A 218 20.36 1.14 -20.76
CA THR A 218 21.80 1.41 -20.70
C THR A 218 22.07 2.52 -19.68
N LEU A 219 23.34 2.69 -19.30
CA LEU A 219 23.69 3.75 -18.37
C LEU A 219 23.37 5.13 -18.96
N GLU A 220 23.52 5.24 -20.28
CA GLU A 220 23.28 6.49 -20.98
C GLU A 220 21.80 6.80 -21.26
N ASN A 221 20.96 5.77 -21.41
CA ASN A 221 19.56 6.02 -21.79
C ASN A 221 18.53 5.89 -20.66
N SER A 222 19.01 5.61 -19.45
CA SER A 222 18.11 5.39 -18.31
C SER A 222 18.05 6.61 -17.39
N SER A 223 16.84 7.04 -17.06
CA SER A 223 16.64 8.20 -16.19
C SER A 223 17.02 7.92 -14.73
N PHE A 224 17.98 8.68 -14.23
CA PHE A 224 18.30 8.66 -12.81
C PHE A 224 17.09 8.98 -11.93
N GLY A 225 16.34 10.02 -12.29
CA GLY A 225 15.16 10.43 -11.53
C GLY A 225 14.11 9.33 -11.43
N GLU A 226 13.96 8.55 -12.51
CA GLU A 226 13.02 7.42 -12.48
C GLU A 226 13.46 6.37 -11.46
N PHE A 227 14.76 6.10 -11.38
CA PHE A 227 15.23 5.21 -10.32
C PHE A 227 14.95 5.79 -8.94
N LEU A 228 15.23 7.08 -8.76
CA LEU A 228 14.93 7.76 -7.50
C LEU A 228 13.43 7.63 -7.15
N HIS A 229 12.58 7.61 -8.18
CA HIS A 229 11.15 7.38 -8.00
C HIS A 229 10.85 5.98 -7.43
N TRP A 230 11.40 4.93 -8.05
CA TRP A 230 11.30 3.57 -7.49
C TRP A 230 11.78 3.53 -6.04
N TRP A 231 12.98 4.09 -5.83
CA TRP A 231 13.63 4.16 -4.53
C TRP A 231 12.69 4.79 -3.47
N ALA A 232 12.11 5.94 -3.82
CA ALA A 232 11.17 6.67 -2.96
C ALA A 232 9.92 5.84 -2.64
N MET A 233 9.32 5.24 -3.68
CA MET A 233 8.11 4.44 -3.50
C MET A 233 8.37 3.28 -2.52
N SER A 234 9.59 2.75 -2.57
CA SER A 234 10.03 1.62 -1.76
C SER A 234 10.41 1.96 -0.32
N GLY A 235 10.46 3.25 0.03
CA GLY A 235 10.86 3.68 1.39
C GLY A 235 12.26 4.25 1.52
N TYR A 236 12.90 4.59 0.40
CA TYR A 236 14.19 5.31 0.38
C TYR A 236 15.32 4.52 1.06
N THR A 237 15.26 3.20 0.98
CA THR A 237 16.31 2.32 1.52
C THR A 237 16.50 1.11 0.60
N TYR A 238 17.70 0.51 0.68
CA TYR A 238 18.01 -0.69 -0.10
C TYR A 238 17.09 -1.84 0.32
N GLN A 239 16.89 -2.03 1.63
CA GLN A 239 16.02 -3.10 2.11
C GLN A 239 14.57 -2.88 1.69
N GLY A 240 14.09 -1.64 1.71
CA GLY A 240 12.76 -1.31 1.20
C GLY A 240 12.61 -1.75 -0.26
N CYS A 241 13.63 -1.44 -1.06
CA CYS A 241 13.68 -1.89 -2.46
C CYS A 241 13.60 -3.40 -2.59
N MET A 242 14.48 -4.11 -1.90
CA MET A 242 14.51 -5.58 -1.98
C MET A 242 13.17 -6.18 -1.56
N ASP A 243 12.59 -5.66 -0.48
CA ASP A 243 11.28 -6.09 0.01
C ASP A 243 10.21 -5.92 -1.06
N CYS A 244 10.19 -4.75 -1.70
CA CYS A 244 9.15 -4.42 -2.66
C CYS A 244 9.33 -5.03 -4.06
N LEU A 245 10.59 -5.18 -4.48
CA LEU A 245 10.91 -5.54 -5.87
C LEU A 245 11.13 -7.03 -6.13
N MET A 246 11.57 -7.78 -5.12
CA MET A 246 12.07 -9.13 -5.39
C MET A 246 11.90 -10.14 -4.24
N SER A 247 10.98 -9.88 -3.33
CA SER A 247 10.87 -10.75 -2.16
C SER A 247 9.74 -11.79 -2.19
N TYR A 248 8.55 -11.38 -2.62
CA TYR A 248 7.37 -12.24 -2.49
C TYR A 248 6.62 -12.44 -3.80
N LYS A 249 6.37 -13.70 -4.13
CA LYS A 249 5.65 -14.07 -5.36
C LYS A 249 4.46 -14.97 -5.00
N PHE A 250 3.55 -15.17 -5.95
CA PHE A 250 2.40 -16.04 -5.73
C PHE A 250 2.83 -17.51 -5.76
N LYS A 251 2.43 -18.27 -4.74
CA LYS A 251 2.67 -19.72 -4.72
C LYS A 251 2.16 -20.37 -6.01
N ASP A 252 0.99 -19.92 -6.47
CA ASP A 252 0.33 -20.53 -7.62
C ASP A 252 0.55 -19.80 -8.92
N GLY A 253 1.46 -18.82 -8.90
CA GLY A 253 1.79 -18.04 -10.09
C GLY A 253 0.83 -16.91 -10.36
N GLN A 254 1.33 -15.90 -11.07
CA GLN A 254 0.55 -14.70 -11.41
C GLN A 254 -0.73 -14.99 -12.19
N SER A 255 -0.71 -16.03 -13.03
CA SER A 255 -1.91 -16.34 -13.82
C SER A 255 -3.11 -16.72 -12.93
N ALA A 256 -2.84 -17.30 -11.76
CA ALA A 256 -3.90 -17.60 -10.79
C ALA A 256 -4.55 -16.31 -10.23
N PHE A 257 -3.72 -15.30 -10.06
CA PHE A 257 -4.18 -13.97 -9.63
C PHE A 257 -5.01 -13.30 -10.72
N ALA A 258 -4.47 -13.26 -11.94
CA ALA A 258 -5.20 -12.70 -13.08
C ALA A 258 -6.58 -13.38 -13.27
N ARG A 259 -6.62 -14.70 -13.06
CA ARG A 259 -7.88 -15.46 -13.18
C ARG A 259 -9.00 -14.96 -12.25
N ARG A 260 -8.63 -14.46 -11.07
CA ARG A 260 -9.61 -13.91 -10.11
C ARG A 260 -10.37 -12.70 -10.66
N PHE A 261 -9.64 -11.79 -11.31
CA PHE A 261 -10.24 -10.64 -11.98
C PHE A 261 -11.18 -11.13 -13.08
N TRP A 262 -10.70 -12.09 -13.87
CA TRP A 262 -11.43 -12.65 -14.99
C TRP A 262 -12.75 -13.26 -14.54
N GLU A 263 -12.67 -14.13 -13.53
CA GLU A 263 -13.83 -14.83 -12.99
C GLU A 263 -14.88 -13.89 -12.40
N GLU A 264 -14.43 -12.85 -11.70
CA GLU A 264 -15.37 -11.87 -11.16
C GLU A 264 -16.09 -11.10 -12.27
N ALA A 265 -15.35 -10.67 -13.28
CA ALA A 265 -15.93 -9.95 -14.42
C ALA A 265 -16.92 -10.83 -15.20
N ALA A 266 -16.51 -12.07 -15.48
CA ALA A 266 -17.34 -13.04 -16.20
C ALA A 266 -18.62 -13.35 -15.44
N GLY A 267 -18.51 -13.48 -14.11
CA GLY A 267 -19.63 -13.82 -13.25
C GLY A 267 -20.74 -12.78 -13.12
N THR A 268 -20.48 -11.56 -13.59
CA THR A 268 -21.50 -10.50 -13.58
C THR A 268 -22.56 -10.73 -14.65
N GLY A 269 -22.19 -11.53 -15.65
CA GLY A 269 -23.04 -11.76 -16.82
C GLY A 269 -22.99 -10.59 -17.79
N ARG A 270 -22.10 -9.64 -17.55
CA ARG A 270 -22.02 -8.42 -18.36
C ARG A 270 -20.73 -8.30 -19.18
N LEU A 271 -19.98 -9.38 -19.23
CA LEU A 271 -18.70 -9.41 -19.95
C LEU A 271 -18.81 -10.06 -21.32
N GLY A 272 -18.48 -9.30 -22.36
CA GLY A 272 -18.22 -9.86 -23.67
C GLY A 272 -16.72 -9.84 -23.90
N TYR A 273 -16.21 -10.80 -24.68
CA TYR A 273 -14.78 -10.83 -24.96
C TYR A 273 -14.41 -11.50 -26.28
N VAL A 274 -13.29 -11.05 -26.85
CA VAL A 274 -12.67 -11.68 -28.02
C VAL A 274 -11.16 -11.69 -27.84
N PHE A 275 -10.57 -12.88 -27.82
CA PHE A 275 -9.12 -13.04 -27.83
C PHE A 275 -8.62 -13.31 -29.24
N GLY A 276 -7.31 -13.19 -29.46
CA GLY A 276 -6.74 -13.30 -30.80
C GLY A 276 -7.26 -12.19 -31.69
N CYS A 277 -7.55 -11.04 -31.09
CA CYS A 277 -8.19 -9.94 -31.78
C CYS A 277 -7.36 -8.66 -31.64
N PRO A 278 -6.24 -8.58 -32.38
CA PRO A 278 -5.42 -7.37 -32.35
C PRO A 278 -6.12 -6.18 -33.02
N VAL A 279 -6.10 -5.04 -32.33
CA VAL A 279 -6.70 -3.80 -32.81
C VAL A 279 -5.73 -3.05 -33.73
N ARG A 280 -6.25 -2.46 -34.80
CA ARG A 280 -5.44 -1.64 -35.69
C ARG A 280 -5.77 -0.14 -35.61
N SER A 281 -7.00 0.19 -35.22
CA SER A 281 -7.44 1.60 -35.14
C SER A 281 -8.55 1.85 -34.13
N VAL A 282 -8.53 3.06 -33.56
CA VAL A 282 -9.60 3.55 -32.69
C VAL A 282 -10.02 4.94 -33.17
N VAL A 283 -11.28 5.06 -33.57
CA VAL A 283 -11.78 6.31 -34.15
C VAL A 283 -12.95 6.88 -33.34
N ASN A 284 -12.78 8.11 -32.87
CA ASN A 284 -13.81 8.84 -32.17
C ASN A 284 -14.88 9.31 -33.15
N GLU A 285 -16.11 8.84 -32.95
CA GLU A 285 -17.24 9.30 -33.73
C GLU A 285 -18.15 10.16 -32.85
N ARG A 286 -19.25 10.67 -33.40
CA ARG A 286 -20.08 11.65 -32.69
C ARG A 286 -20.52 11.20 -31.29
N ASP A 287 -21.24 10.08 -31.23
CA ASP A 287 -21.79 9.59 -29.96
C ASP A 287 -21.09 8.35 -29.42
N ALA A 288 -20.04 7.90 -30.11
CA ALA A 288 -19.35 6.65 -29.76
C ALA A 288 -17.93 6.57 -30.34
N ALA A 289 -17.18 5.55 -29.94
CA ALA A 289 -15.89 5.27 -30.56
C ALA A 289 -15.94 3.94 -31.30
N ARG A 290 -15.27 3.88 -32.45
CA ARG A 290 -15.22 2.67 -33.28
C ARG A 290 -13.82 2.07 -33.25
N VAL A 291 -13.77 0.80 -32.86
CA VAL A 291 -12.52 0.05 -32.75
C VAL A 291 -12.51 -0.99 -33.86
N THR A 292 -11.45 -0.97 -34.67
CA THR A 292 -11.32 -1.91 -35.78
C THR A 292 -10.10 -2.81 -35.61
N ALA A 293 -10.32 -4.11 -35.72
CA ALA A 293 -9.26 -5.12 -35.66
C ALA A 293 -8.44 -5.17 -36.96
N ARG A 294 -7.32 -5.88 -36.92
CA ARG A 294 -6.46 -6.07 -38.08
C ARG A 294 -7.21 -6.74 -39.23
N ASP A 295 -8.10 -7.68 -38.91
CA ASP A 295 -8.87 -8.40 -39.94
C ASP A 295 -10.13 -7.66 -40.38
N GLY A 296 -10.30 -6.43 -39.92
CA GLY A 296 -11.41 -5.58 -40.36
C GLY A 296 -12.67 -5.57 -39.51
N ARG A 297 -12.78 -6.49 -38.54
CA ARG A 297 -13.93 -6.53 -37.62
C ARG A 297 -14.06 -5.19 -36.89
N GLU A 298 -15.29 -4.68 -36.82
CA GLU A 298 -15.55 -3.39 -36.18
C GLU A 298 -16.38 -3.60 -34.92
N PHE A 299 -16.03 -2.85 -33.88
CA PHE A 299 -16.74 -2.90 -32.61
C PHE A 299 -17.02 -1.47 -32.18
N VAL A 300 -18.21 -1.24 -31.62
CA VAL A 300 -18.61 0.13 -31.24
C VAL A 300 -19.06 0.18 -29.79
N ALA A 301 -18.67 1.26 -29.10
CA ALA A 301 -19.07 1.51 -27.72
C ALA A 301 -19.03 3.00 -27.38
N LYS A 302 -19.72 3.36 -26.30
CA LYS A 302 -19.80 4.75 -25.84
C LYS A 302 -18.43 5.27 -25.42
N ARG A 303 -17.68 4.42 -24.71
CA ARG A 303 -16.31 4.75 -24.30
C ARG A 303 -15.34 3.59 -24.57
N VAL A 304 -14.09 3.93 -24.79
CA VAL A 304 -13.04 2.93 -24.97
C VAL A 304 -11.94 3.16 -23.93
N VAL A 305 -11.58 2.10 -23.22
CA VAL A 305 -10.40 2.11 -22.35
C VAL A 305 -9.28 1.41 -23.12
N CYS A 306 -8.27 2.18 -23.53
CA CYS A 306 -7.18 1.61 -24.32
C CYS A 306 -5.98 1.35 -23.42
N THR A 307 -5.63 0.08 -23.25
CA THR A 307 -4.51 -0.30 -22.37
C THR A 307 -3.26 -0.81 -23.12
N ILE A 308 -3.27 -0.65 -24.45
CA ILE A 308 -2.08 -0.94 -25.27
C ILE A 308 -0.85 -0.21 -24.70
N PRO A 309 0.28 -0.93 -24.54
CA PRO A 309 1.49 -0.34 -23.93
C PRO A 309 2.08 0.79 -24.77
N LEU A 310 2.81 1.70 -24.11
CA LEU A 310 3.48 2.82 -24.78
C LEU A 310 4.27 2.42 -26.04
N ASN A 311 5.08 1.37 -25.93
CA ASN A 311 5.98 0.97 -27.00
C ASN A 311 5.28 0.30 -28.19
N VAL A 312 3.98 0.08 -28.04
CA VAL A 312 3.14 -0.53 -29.08
C VAL A 312 2.16 0.49 -29.69
N LEU A 313 1.97 1.63 -29.02
CA LEU A 313 0.95 2.60 -29.43
C LEU A 313 1.13 3.17 -30.85
N SER A 314 2.38 3.31 -31.30
CA SER A 314 2.66 3.86 -32.63
C SER A 314 2.14 2.99 -33.80
N THR A 315 1.76 1.75 -33.51
CA THR A 315 1.20 0.83 -34.50
C THR A 315 -0.30 1.06 -34.73
N ILE A 316 -0.90 1.89 -33.88
CA ILE A 316 -2.36 2.09 -33.91
C ILE A 316 -2.72 3.42 -34.56
N GLN A 317 -3.78 3.41 -35.37
CA GLN A 317 -4.27 4.63 -36.00
C GLN A 317 -5.40 5.25 -35.19
N PHE A 318 -5.14 6.44 -34.65
CA PHE A 318 -6.13 7.15 -33.83
C PHE A 318 -6.69 8.35 -34.58
N SER A 319 -7.98 8.59 -34.34
CA SER A 319 -8.67 9.75 -34.89
C SER A 319 -9.57 10.30 -33.79
N PRO A 320 -9.41 11.59 -33.44
CA PRO A 320 -8.47 12.54 -34.04
C PRO A 320 -7.03 12.28 -33.59
N ALA A 321 -6.09 13.03 -34.17
CA ALA A 321 -4.67 12.86 -33.89
C ALA A 321 -4.37 13.09 -32.41
N LEU A 322 -3.32 12.43 -31.92
CA LEU A 322 -2.93 12.54 -30.52
C LEU A 322 -2.07 13.78 -30.30
N SER A 323 -1.91 14.16 -29.05
CA SER A 323 -1.11 15.34 -28.69
C SER A 323 0.38 15.12 -29.00
N THR A 324 1.12 16.23 -29.10
CA THR A 324 2.56 16.23 -29.33
C THR A 324 3.29 15.43 -28.25
N GLU A 325 2.88 15.61 -27.00
CA GLU A 325 3.50 14.92 -25.85
C GLU A 325 3.31 13.42 -25.90
N ARG A 326 2.10 12.99 -26.25
CA ARG A 326 1.81 11.56 -26.36
C ARG A 326 2.57 10.96 -27.56
N ILE A 327 2.55 11.66 -28.70
CA ILE A 327 3.26 11.22 -29.90
C ILE A 327 4.78 11.12 -29.65
N SER A 328 5.37 12.13 -29.04
CA SER A 328 6.82 12.13 -28.80
C SER A 328 7.26 10.97 -27.90
N ALA A 329 6.45 10.65 -26.88
CA ALA A 329 6.76 9.54 -25.96
C ALA A 329 6.69 8.20 -26.68
N MET A 330 5.65 8.00 -27.50
CA MET A 330 5.47 6.74 -28.19
C MET A 330 6.48 6.54 -29.32
N GLN A 331 6.99 7.65 -29.85
CA GLN A 331 8.04 7.64 -30.87
C GLN A 331 9.39 7.26 -30.27
N ALA A 332 9.79 7.99 -29.23
CA ALA A 332 11.06 7.75 -28.54
C ALA A 332 11.10 6.37 -27.90
N GLY A 333 9.98 5.99 -27.27
CA GLY A 333 9.83 4.70 -26.61
C GLY A 333 10.56 4.63 -25.28
N HIS A 334 10.11 3.74 -24.40
CA HIS A 334 10.82 3.50 -23.13
C HIS A 334 12.00 2.54 -23.36
N VAL A 335 12.92 2.46 -22.41
CA VAL A 335 14.22 1.80 -22.63
C VAL A 335 14.37 0.39 -22.06
N SER A 336 13.37 -0.10 -21.34
CA SER A 336 13.51 -1.41 -20.70
C SER A 336 13.39 -2.55 -21.72
N MET A 337 14.53 -3.14 -22.03
CA MET A 337 14.58 -4.31 -22.92
C MET A 337 15.03 -5.54 -22.13
N CYS A 338 14.61 -5.59 -20.87
CA CYS A 338 15.00 -6.67 -19.98
C CYS A 338 14.81 -8.06 -20.60
N THR A 339 15.88 -8.85 -20.54
CA THR A 339 15.81 -10.28 -20.84
C THR A 339 15.70 -11.01 -19.52
N LYS A 340 14.66 -11.84 -19.38
CA LYS A 340 14.47 -12.60 -18.15
C LYS A 340 14.45 -14.08 -18.49
N VAL A 341 15.41 -14.82 -17.94
CA VAL A 341 15.58 -16.23 -18.27
C VAL A 341 15.56 -17.07 -17.00
N HIS A 342 14.66 -18.06 -16.96
CA HIS A 342 14.61 -19.02 -15.86
C HIS A 342 15.47 -20.22 -16.21
N ALA A 343 16.21 -20.72 -15.22
CA ALA A 343 17.00 -21.94 -15.37
C ALA A 343 16.74 -22.91 -14.21
N GLU A 344 16.25 -24.10 -14.55
CA GLU A 344 16.17 -25.19 -13.61
C GLU A 344 17.51 -25.91 -13.69
N VAL A 345 18.22 -25.95 -12.57
CA VAL A 345 19.62 -26.40 -12.58
C VAL A 345 19.84 -27.61 -11.66
N ASP A 346 20.97 -28.29 -11.84
CA ASP A 346 21.23 -29.54 -11.13
C ASP A 346 22.02 -29.38 -9.82
N ASN A 347 22.31 -28.14 -9.44
CA ASN A 347 22.99 -27.86 -8.17
C ASN A 347 21.98 -27.47 -7.09
N LYS A 348 21.70 -28.40 -6.18
CA LYS A 348 20.76 -28.21 -5.07
C LYS A 348 21.18 -27.11 -4.10
N ASP A 349 22.50 -26.92 -3.96
CA ASP A 349 23.04 -25.97 -2.99
C ASP A 349 22.93 -24.50 -3.43
N MET A 350 22.56 -24.29 -4.69
CA MET A 350 22.44 -22.94 -5.22
C MET A 350 21.09 -22.28 -4.92
N ARG A 351 20.24 -22.95 -4.16
CA ARG A 351 19.01 -22.35 -3.66
C ARG A 351 19.29 -21.02 -2.94
N SER A 352 20.42 -20.96 -2.23
CA SER A 352 20.79 -19.82 -1.39
C SER A 352 21.90 -18.98 -2.02
N TRP A 353 22.05 -19.11 -3.33
CA TRP A 353 23.02 -18.38 -4.13
C TRP A 353 22.40 -17.12 -4.74
N THR A 354 23.19 -16.05 -4.81
CA THR A 354 22.87 -14.89 -5.64
C THR A 354 24.13 -14.47 -6.37
N GLY A 355 23.97 -13.81 -7.50
CA GLY A 355 25.12 -13.41 -8.29
C GLY A 355 24.91 -12.14 -9.06
N ILE A 356 26.00 -11.39 -9.21
CA ILE A 356 26.10 -10.32 -10.19
C ILE A 356 27.35 -10.59 -11.03
N ALA A 357 27.18 -10.60 -12.34
CA ALA A 357 28.30 -10.70 -13.28
C ALA A 357 28.22 -9.51 -14.22
N TYR A 358 29.20 -8.61 -14.11
CA TYR A 358 29.12 -7.30 -14.74
C TYR A 358 30.52 -6.73 -15.01
N PRO A 359 30.75 -6.13 -16.19
CA PRO A 359 29.80 -5.83 -17.29
C PRO A 359 29.87 -6.80 -18.48
N PHE A 360 30.62 -7.88 -18.32
CA PHE A 360 31.07 -8.72 -19.43
C PHE A 360 30.05 -9.78 -19.86
N ASN A 361 29.00 -10.00 -19.06
CA ASN A 361 28.04 -11.06 -19.30
C ASN A 361 26.69 -10.53 -19.81
N LYS A 362 26.04 -11.30 -20.68
CA LYS A 362 24.77 -10.90 -21.28
C LYS A 362 23.56 -11.14 -20.36
N LEU A 363 23.80 -11.86 -19.27
CA LEU A 363 22.91 -11.87 -18.12
C LEU A 363 23.71 -11.41 -16.91
N CYS A 364 23.16 -10.43 -16.18
CA CYS A 364 23.93 -9.65 -15.24
C CYS A 364 23.62 -9.91 -13.77
N TYR A 365 22.34 -10.16 -13.46
CA TYR A 365 21.85 -10.26 -12.10
C TYR A 365 21.04 -11.55 -12.02
N ALA A 366 21.29 -12.36 -11.00
CA ALA A 366 20.56 -13.63 -10.84
C ALA A 366 20.44 -14.07 -9.38
N ILE A 367 19.33 -14.74 -9.06
CA ILE A 367 19.10 -15.28 -7.72
C ILE A 367 18.56 -16.70 -7.78
N GLY A 368 18.86 -17.48 -6.74
CA GLY A 368 18.12 -18.72 -6.45
C GLY A 368 16.73 -18.30 -6.00
N ASP A 369 15.71 -18.80 -6.69
CA ASP A 369 14.34 -18.31 -6.54
C ASP A 369 13.36 -19.36 -6.00
N GLY A 370 13.77 -20.63 -6.07
CA GLY A 370 12.91 -21.70 -5.58
C GLY A 370 13.49 -23.08 -5.83
N THR A 371 12.69 -24.09 -5.49
CA THR A 371 12.99 -25.48 -5.77
C THR A 371 11.74 -26.09 -6.42
N THR A 372 11.92 -26.71 -7.58
CA THR A 372 10.82 -27.37 -8.30
C THR A 372 10.39 -28.65 -7.56
N PRO A 373 9.15 -29.13 -7.81
CA PRO A 373 8.70 -30.41 -7.22
C PRO A 373 9.66 -31.57 -7.45
N ALA A 374 10.36 -31.57 -8.58
CA ALA A 374 11.39 -32.59 -8.89
C ALA A 374 12.61 -32.49 -7.97
N GLY A 375 12.74 -31.37 -7.27
CA GLY A 375 13.81 -31.17 -6.28
C GLY A 375 15.02 -30.41 -6.80
N ASN A 376 14.83 -29.68 -7.90
CA ASN A 376 15.91 -28.93 -8.54
C ASN A 376 15.80 -27.43 -8.25
N THR A 377 16.96 -26.82 -8.00
CA THR A 377 17.06 -25.38 -7.80
C THR A 377 16.58 -24.62 -9.04
N HIS A 378 15.75 -23.60 -8.81
CA HIS A 378 15.33 -22.67 -9.86
C HIS A 378 16.12 -21.36 -9.71
N LEU A 379 16.79 -20.96 -10.80
CA LEU A 379 17.48 -19.67 -10.87
C LEU A 379 16.73 -18.74 -11.81
N VAL A 380 16.60 -17.47 -11.42
CA VAL A 380 16.08 -16.46 -12.34
C VAL A 380 17.18 -15.45 -12.66
N CYS A 381 17.34 -15.17 -13.95
CA CYS A 381 18.48 -14.39 -14.46
C CYS A 381 17.98 -13.23 -15.29
N PHE A 382 18.62 -12.06 -15.10
CA PHE A 382 18.18 -10.82 -15.76
C PHE A 382 19.31 -10.18 -16.54
N GLY A 383 19.00 -9.78 -17.77
CA GLY A 383 19.93 -9.04 -18.61
C GLY A 383 19.38 -7.68 -18.99
N ASN A 384 20.29 -6.74 -19.22
CA ASN A 384 19.93 -5.37 -19.57
C ASN A 384 20.41 -5.04 -20.99
N SER A 385 20.24 -3.78 -21.41
CA SER A 385 20.58 -3.38 -22.78
C SER A 385 22.06 -3.01 -22.98
N ALA A 386 22.80 -2.84 -21.89
CA ALA A 386 24.23 -2.53 -22.00
C ALA A 386 25.05 -3.73 -22.50
N ASN A 387 24.59 -4.93 -22.18
CA ASN A 387 25.17 -6.16 -22.74
C ASN A 387 24.01 -7.13 -22.97
N HIS A 388 23.35 -6.99 -24.11
CA HIS A 388 22.04 -7.59 -24.32
C HIS A 388 22.09 -8.92 -25.09
N ILE A 389 21.17 -9.81 -24.75
CA ILE A 389 20.93 -11.06 -25.47
C ILE A 389 19.44 -11.24 -25.74
N GLN A 390 19.12 -11.68 -26.96
CA GLN A 390 17.76 -12.13 -27.29
C GLN A 390 17.79 -13.63 -27.00
N PRO A 391 17.08 -14.06 -25.94
CA PRO A 391 17.27 -15.42 -25.41
C PRO A 391 16.89 -16.53 -26.39
N ASP A 392 15.99 -16.21 -27.33
CA ASP A 392 15.50 -17.18 -28.30
C ASP A 392 16.36 -17.28 -29.56
N GLU A 393 17.33 -16.38 -29.73
CA GLU A 393 18.15 -16.29 -30.93
C GLU A 393 19.08 -17.50 -31.11
N ASP A 394 19.75 -17.88 -30.03
CA ASP A 394 20.72 -18.97 -30.04
C ASP A 394 20.78 -19.55 -28.65
N VAL A 395 20.13 -20.71 -28.48
CA VAL A 395 20.01 -21.38 -27.19
C VAL A 395 21.37 -21.57 -26.50
N ARG A 396 22.38 -21.89 -27.32
CA ARG A 396 23.72 -22.13 -26.80
C ARG A 396 24.37 -20.89 -26.22
N GLU A 397 24.19 -19.75 -26.89
CA GLU A 397 24.62 -18.45 -26.38
C GLU A 397 23.89 -18.10 -25.07
N THR A 398 22.59 -18.43 -24.99
CA THR A 398 21.79 -18.22 -23.78
C THR A 398 22.24 -19.09 -22.61
N LEU A 399 22.50 -20.36 -22.91
CA LEU A 399 23.05 -21.29 -21.92
C LEU A 399 24.43 -20.84 -21.43
N LYS A 400 25.25 -20.33 -22.35
CA LYS A 400 26.56 -19.78 -22.01
C LYS A 400 26.43 -18.60 -21.02
N ALA A 401 25.52 -17.68 -21.31
CA ALA A 401 25.27 -16.52 -20.44
C ALA A 401 24.84 -16.95 -19.04
N VAL A 402 23.97 -17.95 -18.97
CA VAL A 402 23.50 -18.50 -17.70
C VAL A 402 24.66 -19.13 -16.92
N GLY A 403 25.45 -19.96 -17.60
CA GLY A 403 26.57 -20.65 -16.96
C GLY A 403 27.62 -19.70 -16.39
N GLN A 404 27.88 -18.60 -17.11
CA GLN A 404 28.92 -17.65 -16.71
C GLN A 404 28.58 -16.85 -15.43
N LEU A 405 27.35 -16.99 -14.94
CA LEU A 405 26.97 -16.41 -13.65
C LEU A 405 27.65 -17.14 -12.48
N ALA A 406 27.94 -18.43 -12.70
CA ALA A 406 28.62 -19.24 -11.71
C ALA A 406 29.35 -20.41 -12.42
N PRO A 407 30.45 -20.08 -13.12
CA PRO A 407 31.12 -21.05 -14.00
C PRO A 407 31.51 -22.32 -13.25
N GLY A 408 31.30 -23.46 -13.92
CA GLY A 408 31.69 -24.77 -13.40
C GLY A 408 30.95 -25.29 -12.18
N THR A 409 29.81 -24.69 -11.84
CA THR A 409 29.09 -25.07 -10.62
C THR A 409 27.77 -25.83 -10.87
N PHE A 410 27.23 -25.72 -12.09
CA PHE A 410 25.95 -26.33 -12.40
C PHE A 410 25.75 -26.66 -13.87
N GLY A 411 24.85 -27.62 -14.13
CA GLY A 411 24.34 -27.88 -15.46
C GLY A 411 22.88 -27.49 -15.52
N VAL A 412 22.39 -27.17 -16.72
CA VAL A 412 21.03 -26.69 -16.89
C VAL A 412 20.10 -27.82 -17.35
N LYS A 413 19.07 -28.09 -16.56
CA LYS A 413 18.05 -29.08 -16.89
C LYS A 413 16.93 -28.52 -17.75
N ARG A 414 16.65 -27.22 -17.62
CA ARG A 414 15.54 -26.59 -18.32
C ARG A 414 15.79 -25.08 -18.41
N LEU A 415 15.43 -24.49 -19.55
CA LEU A 415 15.30 -23.03 -19.65
C LEU A 415 13.85 -22.67 -19.95
N VAL A 416 13.36 -21.58 -19.35
CA VAL A 416 12.01 -21.07 -19.60
C VAL A 416 12.11 -19.55 -19.71
N PHE A 417 11.58 -19.00 -20.79
CA PHE A 417 11.58 -17.54 -21.01
C PHE A 417 10.56 -17.12 -22.07
N HIS A 418 10.27 -15.82 -22.07
CA HIS A 418 9.50 -15.15 -23.11
C HIS A 418 10.29 -13.92 -23.55
N ASN A 419 10.39 -13.70 -24.85
CA ASN A 419 11.09 -12.53 -25.36
C ASN A 419 10.13 -11.35 -25.45
N TRP A 420 10.19 -10.48 -24.44
CA TRP A 420 9.31 -9.31 -24.37
C TRP A 420 9.65 -8.27 -25.41
N VAL A 421 10.92 -8.20 -25.77
CA VAL A 421 11.42 -7.18 -26.70
C VAL A 421 10.85 -7.33 -28.12
N LYS A 422 10.86 -8.57 -28.63
CA LYS A 422 10.38 -8.89 -29.97
C LYS A 422 8.89 -9.21 -30.03
N ASP A 423 8.26 -9.30 -28.86
CA ASP A 423 6.81 -9.45 -28.72
C ASP A 423 6.08 -8.22 -29.28
N GLU A 424 5.37 -8.39 -30.39
CA GLU A 424 4.70 -7.28 -31.06
C GLU A 424 3.65 -6.58 -30.19
N PHE A 425 3.21 -7.25 -29.12
CA PHE A 425 2.20 -6.68 -28.23
C PHE A 425 2.77 -6.16 -26.91
N ALA A 426 4.11 -6.08 -26.84
CA ALA A 426 4.82 -5.46 -25.71
C ALA A 426 5.96 -4.54 -26.19
N LYS A 427 6.78 -5.00 -27.15
CA LYS A 427 7.94 -4.26 -27.69
C LYS A 427 8.83 -3.68 -26.59
N GLY A 428 9.10 -4.48 -25.58
CA GLY A 428 9.85 -4.04 -24.42
C GLY A 428 9.27 -4.68 -23.18
N ALA A 429 9.98 -4.54 -22.05
CA ALA A 429 9.50 -5.08 -20.78
C ALA A 429 8.77 -3.95 -20.05
N TRP A 430 8.64 -3.98 -18.77
CA TRP A 430 8.12 -2.85 -18.00
C TRP A 430 8.63 -1.48 -18.38
N PHE A 431 7.78 -0.47 -18.26
CA PHE A 431 8.18 0.90 -18.52
C PHE A 431 9.41 1.36 -17.72
N PHE A 432 10.42 1.85 -18.42
CA PHE A 432 11.47 2.65 -17.75
C PHE A 432 11.91 3.75 -18.68
N SER A 433 11.98 4.96 -18.14
CA SER A 433 12.04 6.15 -18.98
C SER A 433 13.44 6.63 -19.35
N ARG A 434 13.51 7.31 -20.50
CA ARG A 434 14.70 8.06 -20.91
C ARG A 434 14.81 9.31 -20.04
N PRO A 435 16.04 9.93 -20.08
CA PRO A 435 16.16 11.15 -19.28
C PRO A 435 15.19 12.21 -19.77
N GLY A 436 14.45 12.80 -18.78
CA GLY A 436 13.50 13.86 -19.12
C GLY A 436 12.15 13.44 -19.67
N MET A 437 12.00 12.14 -19.98
CA MET A 437 10.77 11.65 -20.62
C MET A 437 9.51 11.81 -19.75
N VAL A 438 9.61 11.40 -18.50
CA VAL A 438 8.47 11.47 -17.58
C VAL A 438 8.09 12.94 -17.29
N SER A 439 9.07 13.78 -16.96
CA SER A 439 8.76 15.18 -16.70
C SER A 439 8.13 15.86 -17.92
N GLU A 440 8.60 15.51 -19.12
CA GLU A 440 8.07 16.08 -20.35
C GLU A 440 6.70 15.55 -20.75
N CYS A 441 6.49 14.24 -20.56
CA CYS A 441 5.39 13.55 -21.24
C CYS A 441 4.31 12.96 -20.35
N LEU A 442 4.57 12.80 -19.05
CA LEU A 442 3.61 12.11 -18.17
C LEU A 442 2.20 12.70 -18.24
N GLN A 443 2.09 14.03 -18.16
CA GLN A 443 0.78 14.70 -18.23
C GLN A 443 0.10 14.39 -19.58
N GLY A 444 0.86 14.49 -20.67
CA GLY A 444 0.37 14.17 -22.00
C GLY A 444 -0.12 12.73 -22.13
N LEU A 445 0.61 11.81 -21.51
CA LEU A 445 0.26 10.39 -21.56
C LEU A 445 -0.99 10.04 -20.74
N ARG A 446 -1.34 10.90 -19.79
CA ARG A 446 -2.48 10.66 -18.92
C ARG A 446 -3.73 11.42 -19.35
N GLU A 447 -3.62 12.17 -20.31
CA GLU A 447 -4.64 13.09 -20.79
C GLU A 447 -5.82 12.43 -21.51
N LYS A 448 -7.03 12.99 -21.28
CA LYS A 448 -8.27 12.56 -21.95
C LYS A 448 -8.11 12.68 -23.46
N HIS A 449 -8.75 11.77 -24.20
CA HIS A 449 -8.79 11.84 -25.66
C HIS A 449 -10.19 11.53 -26.18
N GLY A 450 -11.07 12.51 -26.05
CA GLY A 450 -12.49 12.33 -26.38
C GLY A 450 -13.08 11.17 -25.61
N GLY A 451 -13.55 10.17 -26.35
CA GLY A 451 -14.17 8.98 -25.75
C GLY A 451 -13.19 7.87 -25.42
N VAL A 452 -11.89 8.14 -25.59
CA VAL A 452 -10.85 7.15 -25.30
C VAL A 452 -10.09 7.51 -24.03
N VAL A 453 -10.06 6.58 -23.10
CA VAL A 453 -9.27 6.69 -21.87
C VAL A 453 -8.01 5.83 -22.05
N PHE A 454 -6.85 6.48 -22.07
CA PHE A 454 -5.57 5.78 -22.15
C PHE A 454 -5.09 5.45 -20.75
N ALA A 455 -4.99 4.16 -20.46
CA ALA A 455 -4.61 3.68 -19.14
C ALA A 455 -3.62 2.55 -19.30
N ASN A 456 -2.51 2.60 -18.56
CA ASN A 456 -1.48 1.57 -18.59
C ASN A 456 -0.52 1.86 -17.45
N SER A 457 0.07 0.80 -16.88
CA SER A 457 1.10 0.95 -15.85
C SER A 457 2.19 1.93 -16.29
N ASP A 458 2.46 1.97 -17.61
CA ASP A 458 3.51 2.81 -18.19
C ASP A 458 3.39 4.29 -17.81
N TRP A 459 2.18 4.76 -17.48
CA TRP A 459 2.01 6.17 -17.11
C TRP A 459 1.20 6.38 -15.82
N ALA A 460 1.29 5.40 -14.92
CA ALA A 460 0.77 5.52 -13.57
C ALA A 460 1.57 6.59 -12.79
N LEU A 461 1.07 6.98 -11.62
CA LEU A 461 1.72 7.99 -10.78
C LEU A 461 2.60 7.44 -9.67
N GLY A 462 2.16 6.33 -9.06
CA GLY A 462 2.86 5.74 -7.92
C GLY A 462 3.84 4.69 -8.39
N TRP A 463 3.44 3.43 -8.29
CA TRP A 463 4.26 2.32 -8.76
C TRP A 463 4.18 2.19 -10.28
N ARG A 464 4.55 3.26 -10.99
CA ARG A 464 4.59 3.26 -12.44
C ARG A 464 5.55 2.16 -12.89
N SER A 465 5.12 1.40 -13.87
CA SER A 465 5.84 0.27 -14.44
C SER A 465 5.64 -1.06 -13.71
N PHE A 466 4.88 -1.08 -12.64
CA PHE A 466 4.68 -2.27 -11.82
C PHE A 466 3.27 -2.79 -12.10
N ILE A 467 3.02 -4.03 -11.70
CA ILE A 467 1.67 -4.59 -11.68
C ILE A 467 0.76 -3.65 -10.89
N ASP A 468 1.28 -3.13 -9.77
CA ASP A 468 0.55 -2.15 -8.99
C ASP A 468 0.08 -0.94 -9.81
N GLY A 469 0.98 -0.39 -10.62
CA GLY A 469 0.66 0.76 -11.48
C GLY A 469 -0.43 0.43 -12.50
N ALA A 470 -0.40 -0.80 -13.01
CA ALA A 470 -1.45 -1.27 -13.93
C ALA A 470 -2.82 -1.20 -13.28
N ILE A 471 -2.89 -1.66 -12.03
CA ILE A 471 -4.13 -1.68 -11.24
C ILE A 471 -4.57 -0.25 -10.85
N GLU A 472 -3.60 0.59 -10.47
CA GLU A 472 -3.85 2.02 -10.25
C GLU A 472 -4.56 2.62 -11.45
N GLU A 473 -4.01 2.36 -12.63
CA GLU A 473 -4.49 2.92 -13.89
C GLU A 473 -5.83 2.32 -14.34
N GLY A 474 -6.01 1.03 -14.12
CA GLY A 474 -7.29 0.36 -14.42
C GLY A 474 -8.42 0.91 -13.56
N THR A 475 -8.11 1.12 -12.27
CA THR A 475 -9.02 1.73 -11.32
C THR A 475 -9.43 3.16 -11.73
N ARG A 476 -8.43 3.96 -12.13
CA ARG A 476 -8.69 5.31 -12.63
C ARG A 476 -9.58 5.30 -13.88
N ALA A 477 -9.29 4.38 -14.80
CA ALA A 477 -10.02 4.29 -16.07
C ALA A 477 -11.52 3.99 -15.87
N ALA A 478 -11.81 3.02 -15.01
CA ALA A 478 -13.19 2.67 -14.69
C ALA A 478 -13.91 3.84 -14.04
N ARG A 479 -13.22 4.52 -13.12
CA ARG A 479 -13.73 5.71 -12.45
C ARG A 479 -14.13 6.81 -13.46
N VAL A 480 -13.22 7.12 -14.39
CA VAL A 480 -13.47 8.10 -15.46
C VAL A 480 -14.72 7.73 -16.29
N VAL A 481 -14.80 6.46 -16.68
CA VAL A 481 -15.91 5.97 -17.50
C VAL A 481 -17.23 6.08 -16.74
N LEU A 482 -17.23 5.62 -15.49
CA LEU A 482 -18.43 5.68 -14.63
C LEU A 482 -18.89 7.11 -14.39
N GLU A 483 -17.94 8.04 -14.25
CA GLU A 483 -18.24 9.45 -14.07
C GLU A 483 -18.85 10.07 -15.32
N GLU A 484 -18.27 9.76 -16.47
CA GLU A 484 -18.71 10.35 -17.74
C GLU A 484 -20.01 9.77 -18.27
N LEU A 485 -20.27 8.51 -17.93
CA LEU A 485 -21.45 7.79 -18.43
C LEU A 485 -22.62 7.80 -17.45
N GLY A 486 -22.31 7.85 -16.15
CA GLY A 486 -23.32 7.80 -15.10
C GLY A 486 -23.96 6.43 -14.97
N THR A 487 -24.89 6.31 -14.01
CA THR A 487 -25.61 5.05 -13.72
C THR A 487 -24.67 3.85 -13.59
N MET B 1 -22.12 22.96 9.65
CA MET B 1 -22.98 22.03 10.44
C MET B 1 -22.28 21.56 11.71
N THR B 2 -22.90 21.81 12.86
CA THR B 2 -22.30 21.53 14.16
C THR B 2 -22.64 20.12 14.65
N SER B 3 -21.62 19.37 15.04
CA SER B 3 -21.82 18.06 15.66
C SER B 3 -22.04 18.22 17.16
N ARG B 4 -22.68 17.23 17.76
CA ARG B 4 -22.76 17.15 19.21
C ARG B 4 -21.42 16.75 19.80
N ASP B 5 -20.61 16.06 19.00
CA ASP B 5 -19.30 15.57 19.40
C ASP B 5 -18.30 16.72 19.46
N GLY B 6 -17.23 16.50 20.21
CA GLY B 6 -16.13 17.45 20.26
C GLY B 6 -16.27 18.48 21.36
N TYR B 7 -15.13 19.09 21.69
CA TYR B 7 -15.05 20.19 22.62
C TYR B 7 -14.09 21.20 22.06
N GLN B 8 -14.30 22.46 22.45
CA GLN B 8 -13.35 23.54 22.19
C GLN B 8 -13.25 24.44 23.43
N TRP B 9 -12.05 24.93 23.70
CA TRP B 9 -11.84 25.95 24.73
C TRP B 9 -11.11 27.15 24.14
N THR B 10 -11.57 28.35 24.48
CA THR B 10 -10.80 29.59 24.28
C THR B 10 -10.97 30.42 25.55
N PRO B 11 -10.03 31.36 25.81
CA PRO B 11 -10.21 32.25 26.97
C PRO B 11 -11.58 32.91 26.99
N GLU B 12 -12.13 33.22 25.86
CA GLU B 12 -13.30 34.11 25.80
C GLU B 12 -14.64 33.40 25.91
N THR B 13 -14.57 32.11 25.44
CA THR B 13 -15.76 31.25 25.48
C THR B 13 -15.77 30.24 26.62
N GLY B 14 -14.63 30.02 27.26
CA GLY B 14 -14.45 28.87 28.14
C GLY B 14 -14.61 27.57 27.36
N LEU B 15 -14.97 26.51 28.06
CA LEU B 15 -15.16 25.19 27.43
C LEU B 15 -16.56 25.04 26.86
N THR B 16 -16.63 24.73 25.57
CA THR B 16 -17.91 24.49 24.92
C THR B 16 -17.91 23.11 24.29
N GLN B 17 -19.09 22.49 24.22
CA GLN B 17 -19.24 21.17 23.65
C GLN B 17 -19.93 21.26 22.30
N GLY B 18 -19.45 20.45 21.35
CA GLY B 18 -19.99 20.45 20.00
C GLY B 18 -19.20 21.38 19.10
N VAL B 19 -18.69 20.84 17.98
CA VAL B 19 -17.90 21.63 17.02
C VAL B 19 -18.39 21.36 15.60
N PRO B 20 -18.10 22.27 14.64
CA PRO B 20 -18.51 22.01 13.26
C PRO B 20 -17.79 20.81 12.66
N SER B 21 -18.43 20.13 11.72
CA SER B 21 -17.76 19.09 10.93
C SER B 21 -18.49 18.85 9.62
N LEU B 22 -17.71 18.75 8.55
CA LEU B 22 -18.21 18.31 7.24
C LEU B 22 -18.83 16.91 7.33
N GLY B 23 -18.53 16.19 8.40
CA GLY B 23 -19.05 14.84 8.61
C GLY B 23 -20.52 14.80 9.02
N VAL B 24 -21.04 15.92 9.49
CA VAL B 24 -22.44 15.98 9.91
C VAL B 24 -23.34 15.90 8.68
N ILE B 25 -24.30 14.98 8.72
CA ILE B 25 -25.21 14.74 7.58
C ILE B 25 -26.60 15.36 7.81
N SER B 26 -26.99 16.20 6.86
CA SER B 26 -28.29 16.90 6.89
C SER B 26 -29.00 16.80 5.54
N PRO B 27 -30.28 16.36 5.55
CA PRO B 27 -31.07 15.99 6.72
C PRO B 27 -30.57 14.66 7.30
N PRO B 28 -30.88 14.37 8.58
CA PRO B 28 -30.37 13.16 9.27
C PRO B 28 -30.94 11.83 8.76
N THR B 29 -31.96 11.88 7.91
CA THR B 29 -32.53 10.68 7.32
C THR B 29 -33.10 10.97 5.93
N ASN B 30 -33.14 9.94 5.09
CA ASN B 30 -33.81 10.05 3.79
C ASN B 30 -34.91 9.02 3.62
N ILE B 31 -35.25 8.34 4.71
CA ILE B 31 -36.32 7.34 4.70
C ILE B 31 -37.42 7.75 5.68
N TRP B 40 -34.88 -4.14 2.29
CA TRP B 40 -33.47 -3.79 2.15
C TRP B 40 -32.64 -5.04 1.91
N ASP B 41 -31.67 -4.95 1.02
CA ASP B 41 -30.73 -6.05 0.80
C ASP B 41 -29.78 -6.15 1.97
N VAL B 42 -29.26 -5.00 2.41
CA VAL B 42 -28.28 -4.96 3.48
C VAL B 42 -28.54 -3.79 4.42
N ILE B 43 -28.35 -4.02 5.72
CA ILE B 43 -28.22 -2.96 6.69
C ILE B 43 -26.75 -2.89 7.12
N VAL B 44 -26.17 -1.70 7.02
CA VAL B 44 -24.83 -1.47 7.55
C VAL B 44 -24.98 -0.64 8.83
N ILE B 45 -24.53 -1.21 9.95
CA ILE B 45 -24.52 -0.49 11.22
C ILE B 45 -23.18 0.17 11.43
N GLY B 46 -23.17 1.51 11.44
CA GLY B 46 -21.97 2.30 11.68
C GLY B 46 -21.49 2.95 10.40
N GLY B 47 -21.27 4.27 10.47
CA GLY B 47 -20.79 5.06 9.34
C GLY B 47 -19.37 5.60 9.51
N GLY B 48 -18.52 4.80 10.16
CA GLY B 48 -17.07 5.06 10.15
C GLY B 48 -16.51 4.58 8.83
N TYR B 49 -15.18 4.59 8.67
CA TYR B 49 -14.59 4.16 7.40
C TYR B 49 -14.95 2.74 6.98
N CYS B 50 -15.13 1.85 7.94
CA CYS B 50 -15.49 0.47 7.64
C CYS B 50 -16.88 0.40 6.99
N GLY B 51 -17.87 0.98 7.67
CA GLY B 51 -19.25 1.07 7.15
C GLY B 51 -19.37 1.86 5.85
N LEU B 52 -18.64 2.98 5.74
CA LEU B 52 -18.62 3.77 4.51
C LEU B 52 -18.09 2.96 3.32
N THR B 53 -17.02 2.19 3.54
CA THR B 53 -16.43 1.36 2.48
C THR B 53 -17.41 0.27 2.04
N ALA B 54 -17.98 -0.43 3.02
CA ALA B 54 -18.91 -1.51 2.75
C ALA B 54 -20.14 -0.98 2.00
N THR B 55 -20.70 0.12 2.49
CA THR B 55 -21.88 0.77 1.88
C THR B 55 -21.59 1.24 0.44
N ARG B 56 -20.43 1.87 0.25
CA ARG B 56 -20.01 2.34 -1.07
C ARG B 56 -19.92 1.16 -2.04
N ASP B 57 -19.19 0.13 -1.64
CA ASP B 57 -19.04 -1.07 -2.47
C ASP B 57 -20.39 -1.72 -2.81
N LEU B 58 -21.23 -1.91 -1.79
CA LEU B 58 -22.51 -2.60 -1.95
C LEU B 58 -23.49 -1.84 -2.85
N THR B 59 -23.64 -0.53 -2.60
CA THR B 59 -24.52 0.29 -3.44
C THR B 59 -24.04 0.37 -4.89
N VAL B 60 -22.72 0.52 -5.08
CA VAL B 60 -22.17 0.53 -6.43
C VAL B 60 -22.43 -0.82 -7.16
N ALA B 61 -22.38 -1.91 -6.40
CA ALA B 61 -22.60 -3.26 -6.95
C ALA B 61 -24.09 -3.60 -7.13
N GLY B 62 -24.97 -2.66 -6.76
CA GLY B 62 -26.40 -2.78 -7.05
C GLY B 62 -27.31 -3.11 -5.87
N PHE B 63 -26.75 -3.19 -4.67
CA PHE B 63 -27.54 -3.58 -3.48
C PHE B 63 -28.20 -2.40 -2.81
N LYS B 64 -29.49 -2.54 -2.50
CA LYS B 64 -30.23 -1.54 -1.73
C LYS B 64 -29.77 -1.60 -0.28
N THR B 65 -29.13 -0.52 0.17
CA THR B 65 -28.40 -0.52 1.44
C THR B 65 -28.88 0.54 2.39
N LEU B 66 -29.18 0.12 3.62
CA LEU B 66 -29.57 1.03 4.68
C LEU B 66 -28.45 1.20 5.71
N LEU B 67 -27.95 2.42 5.82
CA LEU B 67 -26.93 2.74 6.82
C LEU B 67 -27.56 3.36 8.07
N LEU B 68 -27.36 2.70 9.20
CA LEU B 68 -27.84 3.18 10.49
C LEU B 68 -26.64 3.61 11.33
N GLU B 69 -26.68 4.86 11.80
CA GLU B 69 -25.58 5.42 12.58
C GLU B 69 -26.08 6.07 13.86
N ALA B 70 -25.39 5.77 14.97
CA ALA B 70 -25.75 6.29 16.28
C ALA B 70 -25.51 7.80 16.42
N ARG B 71 -24.41 8.28 15.82
CA ARG B 71 -24.03 9.70 15.89
C ARG B 71 -24.82 10.55 14.90
N ASP B 72 -24.56 11.86 14.91
CA ASP B 72 -25.12 12.79 13.92
C ASP B 72 -24.21 12.96 12.69
N ARG B 73 -23.17 12.14 12.61
CA ARG B 73 -22.12 12.32 11.61
C ARG B 73 -21.53 11.00 11.10
N ILE B 74 -20.81 11.08 9.98
CA ILE B 74 -20.02 9.96 9.50
C ILE B 74 -18.57 10.10 9.99
N GLY B 75 -17.75 9.07 9.75
CA GLY B 75 -16.34 9.12 10.12
C GLY B 75 -15.98 8.30 11.34
N GLY B 76 -16.92 8.17 12.28
CA GLY B 76 -16.69 7.35 13.48
C GLY B 76 -15.52 7.85 14.30
N ARG B 77 -14.48 7.01 14.42
CA ARG B 77 -13.29 7.37 15.21
C ARG B 77 -12.31 8.31 14.50
N SER B 78 -12.71 8.80 13.34
CA SER B 78 -11.93 9.77 12.59
C SER B 78 -12.83 10.85 12.01
N TRP B 79 -12.58 12.09 12.39
CA TRP B 79 -13.34 13.23 11.87
C TRP B 79 -12.61 14.53 12.16
N SER B 80 -12.85 15.53 11.31
CA SER B 80 -12.18 16.82 11.43
C SER B 80 -13.16 17.96 11.63
N SER B 81 -12.70 18.99 12.34
CA SER B 81 -13.46 20.21 12.58
C SER B 81 -12.69 21.42 12.09
N ASN B 82 -13.28 22.17 11.17
CA ASN B 82 -12.66 23.40 10.66
C ASN B 82 -13.02 24.59 11.53
N ILE B 83 -12.00 25.16 12.17
CA ILE B 83 -12.19 26.27 13.09
C ILE B 83 -11.17 27.35 12.72
N ASP B 84 -11.69 28.54 12.43
CA ASP B 84 -10.89 29.68 11.93
C ASP B 84 -9.92 29.27 10.81
N GLY B 85 -10.41 28.45 9.89
CA GLY B 85 -9.68 28.10 8.67
C GLY B 85 -8.66 26.99 8.79
N TYR B 86 -8.69 26.27 9.93
CA TYR B 86 -7.76 25.17 10.17
C TYR B 86 -8.50 23.88 10.57
N PRO B 87 -8.14 22.75 9.93
CA PRO B 87 -8.79 21.50 10.30
C PRO B 87 -8.16 20.82 11.52
N TYR B 88 -8.96 20.64 12.56
CA TYR B 88 -8.54 19.93 13.77
C TYR B 88 -9.01 18.48 13.69
N GLU B 89 -8.05 17.56 13.75
CA GLU B 89 -8.34 16.14 13.58
C GLU B 89 -8.66 15.49 14.94
N MET B 90 -9.95 15.23 15.15
CA MET B 90 -10.45 14.79 16.45
C MET B 90 -10.05 13.37 16.82
N GLY B 91 -9.88 12.53 15.80
CA GLY B 91 -9.45 11.14 15.99
C GLY B 91 -8.40 10.76 14.97
N GLY B 92 -8.65 9.67 14.24
CA GLY B 92 -7.73 9.19 13.20
C GLY B 92 -7.30 10.25 12.21
N THR B 93 -5.99 10.35 11.97
CA THR B 93 -5.40 11.47 11.23
C THR B 93 -4.50 11.08 10.07
N TRP B 94 -3.45 10.32 10.37
CA TRP B 94 -2.34 10.14 9.44
C TRP B 94 -2.50 8.93 8.56
N VAL B 95 -1.99 9.06 7.33
CA VAL B 95 -2.07 8.04 6.29
C VAL B 95 -0.73 8.00 5.51
N HIS B 96 -0.54 6.95 4.71
CA HIS B 96 0.68 6.80 3.91
C HIS B 96 0.41 5.85 2.74
N TRP B 97 1.18 5.98 1.66
CA TRP B 97 1.02 5.09 0.50
C TRP B 97 1.49 3.64 0.74
N HIS B 98 2.14 3.40 1.88
CA HIS B 98 2.44 2.03 2.32
C HIS B 98 1.27 1.38 3.06
N GLN B 99 0.14 2.09 3.11
CA GLN B 99 -1.08 1.57 3.71
C GLN B 99 -2.05 1.33 2.58
N SER B 100 -2.16 0.07 2.18
CA SER B 100 -2.77 -0.35 0.91
C SER B 100 -4.19 0.14 0.69
N HIS B 101 -5.05 -0.06 1.69
CA HIS B 101 -6.49 0.13 1.51
C HIS B 101 -6.86 1.62 1.54
N VAL B 102 -6.34 2.35 2.52
CA VAL B 102 -6.58 3.80 2.55
C VAL B 102 -5.94 4.49 1.34
N TRP B 103 -4.75 4.07 0.95
CA TRP B 103 -4.11 4.70 -0.21
C TRP B 103 -4.86 4.45 -1.51
N ARG B 104 -5.41 3.25 -1.65
CA ARG B 104 -6.16 2.88 -2.85
C ARG B 104 -7.36 3.84 -2.99
N GLU B 105 -8.03 4.11 -1.88
CA GLU B 105 -9.17 5.05 -1.85
C GLU B 105 -8.76 6.48 -2.12
N ILE B 106 -7.68 6.93 -1.46
CA ILE B 106 -7.12 8.27 -1.67
C ILE B 106 -6.81 8.51 -3.16
N THR B 107 -6.16 7.55 -3.81
CA THR B 107 -5.82 7.72 -5.24
CA THR B 107 -5.80 7.69 -5.22
C THR B 107 -7.05 7.68 -6.13
N ARG B 108 -7.97 6.75 -5.86
CA ARG B 108 -9.18 6.61 -6.66
C ARG B 108 -10.05 7.86 -6.54
N TYR B 109 -10.10 8.43 -5.33
CA TYR B 109 -10.80 9.70 -5.11
C TYR B 109 -9.96 10.96 -5.47
N LYS B 110 -8.78 10.72 -6.04
CA LYS B 110 -7.86 11.79 -6.50
C LYS B 110 -7.50 12.82 -5.42
N MET B 111 -7.22 12.32 -4.22
CA MET B 111 -6.79 13.16 -3.10
C MET B 111 -5.32 12.91 -2.73
N HIS B 112 -4.62 12.16 -3.58
CA HIS B 112 -3.19 11.86 -3.39
C HIS B 112 -2.33 13.12 -3.34
N ASN B 113 -2.81 14.17 -4.02
CA ASN B 113 -2.11 15.46 -4.02
CA ASN B 113 -2.17 15.49 -4.08
C ASN B 113 -2.68 16.44 -3.00
N ALA B 114 -3.53 15.92 -2.10
CA ALA B 114 -4.22 16.74 -1.11
C ALA B 114 -3.73 16.53 0.31
N LEU B 115 -2.43 16.23 0.45
CA LEU B 115 -1.82 15.98 1.76
C LEU B 115 -0.90 17.09 2.19
N SER B 116 -0.69 17.17 3.51
CA SER B 116 0.22 18.11 4.15
C SER B 116 1.17 17.34 5.05
N PRO B 117 2.46 17.75 5.08
CA PRO B 117 3.36 17.11 6.04
C PRO B 117 3.22 17.73 7.45
N SER B 118 3.08 16.87 8.46
CA SER B 118 3.02 17.33 9.84
C SER B 118 4.34 17.95 10.30
N PHE B 119 5.46 17.32 9.93
CA PHE B 119 6.77 17.81 10.36
C PHE B 119 7.30 18.88 9.42
N ASN B 120 7.79 19.97 10.01
CA ASN B 120 8.42 21.05 9.26
C ASN B 120 9.51 21.67 10.11
N PHE B 121 10.76 21.34 9.79
CA PHE B 121 11.88 21.83 10.59
C PHE B 121 12.59 23.00 9.93
N SER B 122 11.90 23.73 9.04
CA SER B 122 12.53 24.80 8.24
C SER B 122 12.86 26.10 9.02
N ARG B 123 12.21 26.32 10.16
CA ARG B 123 12.41 27.52 10.98
C ARG B 123 12.04 27.22 12.42
N GLY B 124 12.41 28.12 13.33
CA GLY B 124 11.98 28.04 14.73
C GLY B 124 12.98 27.34 15.63
N VAL B 125 12.51 26.85 16.77
CA VAL B 125 13.38 26.25 17.79
C VAL B 125 14.13 25.01 17.30
N ASN B 126 13.52 24.27 16.37
CA ASN B 126 14.17 23.13 15.72
C ASN B 126 14.88 22.20 16.74
N HIS B 127 14.14 21.82 17.78
CA HIS B 127 14.67 20.89 18.78
C HIS B 127 13.62 19.93 19.35
N PHE B 128 14.12 18.85 19.93
CA PHE B 128 13.34 17.87 20.67
C PHE B 128 13.59 18.16 22.14
N GLN B 129 12.49 18.32 22.88
CA GLN B 129 12.55 18.62 24.31
C GLN B 129 12.11 17.40 25.10
N LEU B 130 13.07 16.78 25.78
CA LEU B 130 12.81 15.58 26.58
C LEU B 130 12.78 15.95 28.06
N ARG B 131 11.66 15.64 28.70
CA ARG B 131 11.47 15.93 30.12
C ARG B 131 11.23 14.62 30.87
N THR B 132 12.13 14.30 31.80
CA THR B 132 11.99 13.06 32.57
C THR B 132 11.59 13.30 34.03
N ASN B 133 11.57 14.57 34.42
CA ASN B 133 11.04 15.00 35.71
C ASN B 133 10.48 16.41 35.61
N PRO B 134 9.63 16.80 36.58
CA PRO B 134 8.91 18.08 36.47
C PRO B 134 9.76 19.34 36.50
N THR B 135 11.03 19.24 36.91
CA THR B 135 11.82 20.45 37.16
C THR B 135 12.89 20.77 36.11
N THR B 136 13.13 19.84 35.18
CA THR B 136 14.16 20.03 34.17
C THR B 136 13.71 19.67 32.75
N SER B 137 14.55 20.02 31.78
CA SER B 137 14.38 19.59 30.40
C SER B 137 15.74 19.31 29.79
N THR B 138 15.77 18.34 28.87
CA THR B 138 16.92 18.08 28.02
C THR B 138 16.52 18.41 26.58
N TYR B 139 17.33 19.25 25.92
CA TYR B 139 17.09 19.63 24.53
C TYR B 139 18.12 18.96 23.64
N MET B 140 17.69 18.47 22.49
CA MET B 140 18.62 17.95 21.50
C MET B 140 18.12 18.23 20.08
N THR B 141 18.99 18.07 19.10
CA THR B 141 18.63 18.24 17.71
C THR B 141 17.67 17.13 17.31
N HIS B 142 16.96 17.31 16.21
CA HIS B 142 16.08 16.26 15.70
C HIS B 142 16.89 15.06 15.21
N GLU B 143 18.13 15.32 14.78
CA GLU B 143 19.06 14.23 14.42
C GLU B 143 19.37 13.36 15.63
N ALA B 144 19.65 14.01 16.77
CA ALA B 144 19.94 13.31 18.02
C ALA B 144 18.71 12.55 18.54
N GLU B 145 17.54 13.17 18.39
CA GLU B 145 16.25 12.55 18.70
C GLU B 145 16.09 11.26 17.91
N ASP B 146 16.28 11.37 16.59
CA ASP B 146 16.22 10.21 15.69
CA ASP B 146 16.23 10.21 15.70
C ASP B 146 17.15 9.09 16.17
N GLU B 147 18.39 9.44 16.51
CA GLU B 147 19.38 8.47 16.96
C GLU B 147 18.97 7.79 18.28
N LEU B 148 18.45 8.59 19.20
CA LEU B 148 17.98 8.08 20.50
C LEU B 148 16.85 7.07 20.35
N LEU B 149 15.81 7.45 19.60
CA LEU B 149 14.69 6.55 19.34
C LEU B 149 15.11 5.31 18.56
N ARG B 150 16.00 5.48 17.59
CA ARG B 150 16.49 4.36 16.79
CA ARG B 150 16.49 4.36 16.80
C ARG B 150 17.18 3.35 17.71
N SER B 151 18.07 3.85 18.57
CA SER B 151 18.80 3.02 19.50
C SER B 151 17.87 2.21 20.42
N ALA B 152 16.93 2.92 21.06
CA ALA B 152 16.01 2.30 22.01
C ALA B 152 15.05 1.31 21.34
N LEU B 153 14.49 1.71 20.20
CA LEU B 153 13.59 0.82 19.44
C LEU B 153 14.34 -0.39 18.84
N HIS B 154 15.61 -0.21 18.50
CA HIS B 154 16.41 -1.34 18.03
C HIS B 154 16.46 -2.42 19.12
N LYS B 155 16.81 -1.99 20.33
CA LYS B 155 16.95 -2.91 21.46
C LYS B 155 15.61 -3.57 21.80
N PHE B 156 14.54 -2.76 21.80
CA PHE B 156 13.19 -3.24 22.08
C PHE B 156 12.70 -4.31 21.10
N THR B 157 12.90 -4.07 19.80
CA THR B 157 12.33 -4.94 18.77
C THR B 157 13.23 -6.10 18.37
N ASN B 158 14.49 -6.08 18.79
CA ASN B 158 15.45 -7.08 18.30
C ASN B 158 15.35 -8.42 19.05
N VAL B 159 14.16 -9.01 19.05
CA VAL B 159 13.94 -10.29 19.72
C VAL B 159 14.50 -11.49 18.94
N ASP B 160 14.71 -11.30 17.64
CA ASP B 160 15.07 -12.39 16.74
C ASP B 160 16.35 -12.16 15.95
N GLY B 161 17.07 -11.09 16.27
CA GLY B 161 18.29 -10.73 15.55
C GLY B 161 18.09 -9.89 14.31
N THR B 162 16.84 -9.74 13.86
CA THR B 162 16.54 -8.95 12.65
C THR B 162 15.37 -7.97 12.87
N ASN B 163 15.19 -7.55 14.12
CA ASN B 163 14.12 -6.62 14.49
C ASN B 163 12.74 -7.06 14.01
N GLY B 164 12.46 -8.36 14.12
CA GLY B 164 11.13 -8.87 13.84
C GLY B 164 10.95 -9.53 12.48
N ARG B 165 11.92 -9.35 11.59
CA ARG B 165 11.84 -9.91 10.23
C ARG B 165 11.84 -11.44 10.19
N THR B 166 12.41 -12.06 11.21
CA THR B 166 12.49 -13.51 11.27
C THR B 166 11.24 -14.14 11.91
N VAL B 167 10.77 -13.58 13.03
CA VAL B 167 9.59 -14.13 13.70
C VAL B 167 8.27 -13.65 13.09
N LEU B 168 8.32 -12.51 12.38
CA LEU B 168 7.12 -11.97 11.75
C LEU B 168 7.42 -11.47 10.33
N PRO B 169 7.75 -12.40 9.42
CA PRO B 169 8.05 -12.02 8.03
C PRO B 169 6.80 -11.62 7.26
N PHE B 170 5.65 -12.18 7.65
CA PHE B 170 4.38 -11.92 6.99
C PHE B 170 3.38 -11.46 8.05
N PRO B 171 3.35 -10.14 8.35
CA PRO B 171 2.50 -9.65 9.43
C PRO B 171 0.99 -9.91 9.25
N HIS B 172 0.56 -10.16 8.03
CA HIS B 172 -0.85 -10.53 7.74
C HIS B 172 -1.19 -11.96 8.18
N ASP B 173 -0.15 -12.72 8.53
CA ASP B 173 -0.26 -14.13 8.89
C ASP B 173 0.62 -14.36 10.11
N MET B 174 0.11 -14.02 11.28
CA MET B 174 0.91 -13.99 12.52
C MET B 174 1.51 -15.34 12.93
N PHE B 175 0.85 -16.44 12.56
CA PHE B 175 1.31 -17.78 12.96
C PHE B 175 2.21 -18.45 11.91
N TYR B 176 2.57 -17.70 10.86
CA TYR B 176 3.45 -18.22 9.82
C TYR B 176 4.71 -18.81 10.45
N VAL B 177 5.23 -18.10 11.45
CA VAL B 177 6.31 -18.60 12.30
C VAL B 177 5.69 -18.82 13.68
N PRO B 178 5.63 -20.09 14.13
CA PRO B 178 4.96 -20.46 15.38
C PRO B 178 5.38 -19.61 16.59
N GLU B 179 6.65 -19.34 16.70
CA GLU B 179 7.19 -18.64 17.82
C GLU B 179 6.75 -17.17 18.00
N PHE B 180 6.14 -16.55 17.00
CA PHE B 180 5.60 -15.20 17.18
C PHE B 180 4.58 -15.13 18.32
N ARG B 181 3.80 -16.21 18.49
CA ARG B 181 2.76 -16.23 19.51
C ARG B 181 3.27 -15.79 20.88
N LYS B 182 4.48 -16.22 21.25
CA LYS B 182 5.01 -15.85 22.56
C LYS B 182 5.21 -14.34 22.74
N TYR B 183 5.53 -13.64 21.65
CA TYR B 183 5.62 -12.17 21.70
C TYR B 183 4.24 -11.52 21.77
N ASP B 184 3.25 -12.07 21.05
CA ASP B 184 1.89 -11.58 21.23
C ASP B 184 1.46 -11.68 22.69
N GLU B 185 1.92 -12.74 23.36
CA GLU B 185 1.55 -13.03 24.76
C GLU B 185 2.35 -12.24 25.80
N MET B 186 3.33 -11.46 25.33
CA MET B 186 4.20 -10.65 26.19
C MET B 186 3.70 -9.21 26.33
N SER B 187 3.84 -8.66 27.53
CA SER B 187 3.53 -7.25 27.75
C SER B 187 4.75 -6.38 27.43
N TYR B 188 4.51 -5.10 27.24
CA TYR B 188 5.56 -4.09 27.14
C TYR B 188 6.53 -4.23 28.32
N SER B 189 5.97 -4.30 29.53
CA SER B 189 6.78 -4.35 30.76
C SER B 189 7.70 -5.56 30.77
N GLU B 190 7.19 -6.71 30.32
CA GLU B 190 7.98 -7.94 30.24
C GLU B 190 9.15 -7.81 29.26
N ARG B 191 8.94 -7.15 28.13
CA ARG B 191 10.04 -6.91 27.19
C ARG B 191 11.08 -5.94 27.74
N ILE B 192 10.62 -4.84 28.33
CA ILE B 192 11.52 -3.84 28.92
C ILE B 192 12.43 -4.52 29.95
N ASP B 193 11.83 -5.36 30.79
CA ASP B 193 12.58 -6.09 31.83
C ASP B 193 13.72 -6.93 31.27
N GLN B 194 13.56 -7.42 30.05
CA GLN B 194 14.62 -8.19 29.39
C GLN B 194 15.82 -7.36 28.89
N ILE B 195 15.62 -6.06 28.69
CA ILE B 195 16.66 -5.19 28.11
C ILE B 195 16.98 -3.98 29.00
N ARG B 196 16.39 -3.97 30.19
CA ARG B 196 16.42 -2.83 31.12
C ARG B 196 17.83 -2.31 31.42
N ASP B 197 18.76 -3.24 31.66
CA ASP B 197 20.13 -2.89 32.04
C ASP B 197 20.93 -2.29 30.87
N GLU B 198 20.39 -2.43 29.66
CA GLU B 198 21.02 -1.92 28.45
C GLU B 198 20.46 -0.57 27.99
N LEU B 199 19.50 -0.03 28.73
CA LEU B 199 18.87 1.25 28.39
C LEU B 199 19.21 2.36 29.37
N SER B 200 19.68 3.49 28.82
CA SER B 200 19.84 4.70 29.62
C SER B 200 18.45 5.24 29.99
N LEU B 201 18.38 6.14 30.97
CA LEU B 201 17.10 6.78 31.28
C LEU B 201 16.49 7.44 30.06
N ASN B 202 17.32 8.13 29.27
CA ASN B 202 16.82 8.81 28.07
C ASN B 202 16.29 7.84 27.04
N GLU B 203 16.97 6.72 26.85
CA GLU B 203 16.52 5.69 25.92
C GLU B 203 15.20 5.10 26.39
N ARG B 204 15.16 4.68 27.66
CA ARG B 204 13.99 3.99 28.20
C ARG B 204 12.77 4.92 28.25
N SER B 205 12.98 6.18 28.66
CA SER B 205 11.91 7.18 28.75
C SER B 205 11.29 7.46 27.40
N SER B 206 12.14 7.69 26.39
CA SER B 206 11.64 7.96 25.04
C SER B 206 10.97 6.71 24.45
N LEU B 207 11.54 5.53 24.73
CA LEU B 207 10.99 4.27 24.27
C LEU B 207 9.59 4.02 24.85
N GLU B 208 9.49 4.10 26.18
CA GLU B 208 8.19 3.90 26.84
C GLU B 208 7.14 4.91 26.37
N ALA B 209 7.54 6.18 26.23
CA ALA B 209 6.63 7.20 25.74
C ALA B 209 6.13 6.86 24.32
N PHE B 210 7.04 6.37 23.47
CA PHE B 210 6.69 6.06 22.08
C PHE B 210 5.78 4.84 21.99
N ILE B 211 6.12 3.78 22.71
CA ILE B 211 5.32 2.56 22.64
C ILE B 211 3.95 2.75 23.29
N LEU B 212 3.88 3.58 24.33
CA LEU B 212 2.60 3.92 24.98
C LEU B 212 1.78 4.93 24.18
N LEU B 213 2.45 5.77 23.40
CA LEU B 213 1.77 6.59 22.39
C LEU B 213 0.97 5.65 21.47
N CYS B 214 1.64 4.61 20.99
CA CYS B 214 1.05 3.63 20.08
C CYS B 214 -0.06 2.79 20.69
N SER B 215 0.12 2.34 21.93
CA SER B 215 -0.89 1.46 22.56
C SER B 215 -2.03 2.23 23.23
N GLY B 216 -1.76 3.46 23.67
CA GLY B 216 -2.69 4.26 24.47
C GLY B 216 -2.99 3.65 25.84
N GLY B 217 -2.25 2.60 26.20
CA GLY B 217 -2.53 1.82 27.40
C GLY B 217 -1.48 2.00 28.48
N THR B 218 -1.12 0.89 29.14
CA THR B 218 -0.06 0.90 30.15
C THR B 218 1.01 -0.11 29.74
N LEU B 219 2.15 -0.09 30.42
CA LEU B 219 3.22 -1.02 30.13
C LEU B 219 2.81 -2.47 30.44
N GLU B 220 1.98 -2.62 31.46
CA GLU B 220 1.53 -3.93 31.91
C GLU B 220 0.41 -4.52 31.04
N ASN B 221 -0.45 -3.67 30.49
CA ASN B 221 -1.62 -4.16 29.72
C ASN B 221 -1.50 -4.16 28.19
N SER B 222 -0.39 -3.63 27.68
CA SER B 222 -0.18 -3.54 26.22
C SER B 222 0.64 -4.73 25.69
N SER B 223 0.18 -5.30 24.58
CA SER B 223 0.87 -6.44 23.97
C SER B 223 2.12 -6.01 23.22
N PHE B 224 3.26 -6.61 23.59
CA PHE B 224 4.51 -6.37 22.86
C PHE B 224 4.40 -6.82 21.40
N GLY B 225 3.82 -7.99 21.18
CA GLY B 225 3.66 -8.55 19.84
C GLY B 225 2.83 -7.66 18.92
N GLU B 226 1.84 -6.98 19.48
CA GLU B 226 1.02 -6.05 18.70
C GLU B 226 1.85 -4.84 18.22
N PHE B 227 2.73 -4.34 19.09
CA PHE B 227 3.65 -3.30 18.64
C PHE B 227 4.56 -3.82 17.53
N LEU B 228 5.09 -5.03 17.70
CA LEU B 228 5.89 -5.67 16.67
C LEU B 228 5.13 -5.77 15.35
N HIS B 229 3.82 -5.99 15.43
CA HIS B 229 2.95 -6.00 14.26
C HIS B 229 2.92 -4.63 13.54
N TRP B 230 2.71 -3.55 14.29
CA TRP B 230 2.78 -2.18 13.74
C TRP B 230 4.14 -1.92 13.08
N TRP B 231 5.18 -2.31 13.81
CA TRP B 231 6.58 -2.15 13.40
C TRP B 231 6.81 -2.84 12.05
N ALA B 232 6.37 -4.09 11.97
CA ALA B 232 6.50 -4.90 10.76
C ALA B 232 5.74 -4.30 9.57
N MET B 233 4.49 -3.90 9.81
CA MET B 233 3.65 -3.31 8.77
C MET B 233 4.35 -2.07 8.19
N SER B 234 5.00 -1.31 9.07
CA SER B 234 5.69 -0.06 8.72
C SER B 234 7.07 -0.23 8.04
N GLY B 235 7.58 -1.44 7.97
CA GLY B 235 8.89 -1.70 7.34
C GLY B 235 10.04 -2.02 8.30
N TYR B 236 9.70 -2.37 9.54
CA TYR B 236 10.68 -2.82 10.54
C TYR B 236 11.78 -1.79 10.85
N THR B 237 11.44 -0.50 10.73
CA THR B 237 12.38 0.57 11.08
C THR B 237 11.66 1.72 11.76
N TYR B 238 12.41 2.51 12.53
CA TYR B 238 11.83 3.67 13.18
C TYR B 238 11.35 4.70 12.16
N GLN B 239 12.13 4.94 11.11
CA GLN B 239 11.71 5.90 10.07
C GLN B 239 10.46 5.40 9.34
N GLY B 240 10.39 4.08 9.12
CA GLY B 240 9.18 3.46 8.55
C GLY B 240 7.95 3.77 9.41
N CYS B 241 8.08 3.60 10.72
CA CYS B 241 7.00 3.93 11.65
C CYS B 241 6.60 5.41 11.57
N MET B 242 7.58 6.30 11.63
CA MET B 242 7.28 7.73 11.59
C MET B 242 6.60 8.14 10.28
N ASP B 243 7.07 7.56 9.17
CA ASP B 243 6.48 7.80 7.84
C ASP B 243 5.00 7.39 7.81
N CYS B 244 4.71 6.19 8.32
CA CYS B 244 3.35 5.63 8.24
C CYS B 244 2.40 6.16 9.32
N LEU B 245 2.94 6.48 10.49
CA LEU B 245 2.12 6.81 11.66
C LEU B 245 1.81 8.30 11.87
N MET B 246 2.70 9.17 11.41
CA MET B 246 2.63 10.56 11.88
C MET B 246 3.12 11.63 10.89
N SER B 247 3.24 11.27 9.62
CA SER B 247 3.87 12.19 8.66
C SER B 247 2.91 13.01 7.80
N TYR B 248 1.85 12.35 7.30
CA TYR B 248 1.01 12.95 6.25
C TYR B 248 -0.47 12.92 6.61
N LYS B 249 -1.11 14.09 6.54
CA LYS B 249 -2.53 14.27 6.86
C LYS B 249 -3.22 14.99 5.70
N PHE B 250 -4.54 14.95 5.67
CA PHE B 250 -5.31 15.64 4.64
C PHE B 250 -5.28 17.16 4.85
N LYS B 251 -5.02 17.82 3.80
CA LYS B 251 -5.09 19.28 3.82
C LYS B 251 -6.45 19.75 4.33
N ASP B 252 -7.46 19.18 3.86
CA ASP B 252 -8.81 19.64 4.15
C ASP B 252 -9.49 18.84 5.26
N GLY B 253 -8.72 17.97 5.91
CA GLY B 253 -9.22 17.17 7.03
C GLY B 253 -9.87 15.86 6.61
N GLN B 254 -9.88 14.90 7.54
CA GLN B 254 -10.46 13.58 7.29
C GLN B 254 -11.93 13.61 6.90
N SER B 255 -12.70 14.57 7.41
CA SER B 255 -14.13 14.60 7.09
C SER B 255 -14.36 14.84 5.59
N ALA B 256 -13.46 15.58 4.94
CA ALA B 256 -13.48 15.72 3.47
C ALA B 256 -13.32 14.37 2.74
N PHE B 257 -12.44 13.52 3.26
CA PHE B 257 -12.20 12.17 2.73
C PHE B 257 -13.47 11.32 2.92
N ALA B 258 -14.00 11.28 4.15
CA ALA B 258 -15.20 10.51 4.45
C ALA B 258 -16.37 10.90 3.53
N ARG B 259 -16.50 12.18 3.25
CA ARG B 259 -17.55 12.68 2.38
C ARG B 259 -17.53 12.00 1.00
N ARG B 260 -16.33 11.77 0.47
CA ARG B 260 -16.20 11.15 -0.85
C ARG B 260 -16.89 9.78 -0.93
N PHE B 261 -16.71 8.98 0.12
CA PHE B 261 -17.39 7.68 0.25
C PHE B 261 -18.90 7.91 0.29
N TRP B 262 -19.31 8.88 1.11
CA TRP B 262 -20.72 9.22 1.27
C TRP B 262 -21.35 9.64 -0.04
N GLU B 263 -20.74 10.62 -0.70
CA GLU B 263 -21.26 11.14 -1.96
C GLU B 263 -21.37 10.06 -3.05
N GLU B 264 -20.38 9.16 -3.10
CA GLU B 264 -20.47 8.07 -4.06
C GLU B 264 -21.64 7.14 -3.77
N ALA B 265 -21.76 6.69 -2.52
CA ALA B 265 -22.87 5.82 -2.13
C ALA B 265 -24.23 6.49 -2.41
N ALA B 266 -24.34 7.76 -2.02
CA ALA B 266 -25.58 8.53 -2.21
C ALA B 266 -25.94 8.68 -3.68
N GLY B 267 -24.92 8.81 -4.53
CA GLY B 267 -25.12 9.00 -5.96
C GLY B 267 -25.68 7.79 -6.69
N THR B 268 -25.63 6.61 -6.07
CA THR B 268 -26.14 5.39 -6.68
C THR B 268 -27.68 5.35 -6.72
N GLY B 269 -28.32 6.11 -5.84
CA GLY B 269 -29.76 6.04 -5.67
C GLY B 269 -30.22 4.84 -4.87
N ARG B 270 -29.26 4.07 -4.32
CA ARG B 270 -29.57 2.85 -3.56
C ARG B 270 -29.29 2.97 -2.07
N LEU B 271 -28.99 4.18 -1.61
CA LEU B 271 -28.63 4.42 -0.23
C LEU B 271 -29.79 4.96 0.59
N GLY B 272 -30.16 4.23 1.63
CA GLY B 272 -31.03 4.75 2.67
C GLY B 272 -30.18 4.98 3.91
N TYR B 273 -30.54 5.97 4.72
CA TYR B 273 -29.77 6.23 5.94
C TYR B 273 -30.60 6.83 7.07
N VAL B 274 -30.19 6.52 8.30
CA VAL B 274 -30.75 7.11 9.51
C VAL B 274 -29.60 7.42 10.48
N PHE B 275 -29.40 8.70 10.76
CA PHE B 275 -28.46 9.14 11.80
C PHE B 275 -29.22 9.38 13.12
N GLY B 276 -28.48 9.49 14.22
CA GLY B 276 -29.08 9.54 15.55
C GLY B 276 -29.89 8.29 15.85
N CYS B 277 -29.38 7.15 15.38
CA CYS B 277 -30.11 5.90 15.44
C CYS B 277 -29.26 4.78 16.05
N PRO B 278 -29.09 4.79 17.38
CA PRO B 278 -28.33 3.71 18.02
C PRO B 278 -29.13 2.40 18.16
N VAL B 279 -28.44 1.38 17.72
CA VAL B 279 -28.92 0.06 17.68
C VAL B 279 -28.75 -0.52 19.05
N ARG B 280 -29.76 -1.23 19.49
CA ARG B 280 -29.74 -1.94 20.73
C ARG B 280 -29.72 -3.40 20.45
N SER B 281 -30.30 -3.84 19.35
CA SER B 281 -30.27 -5.29 19.11
C SER B 281 -30.25 -5.75 17.66
N VAL B 282 -29.67 -6.94 17.45
CA VAL B 282 -29.64 -7.59 16.14
C VAL B 282 -30.04 -9.06 16.29
N VAL B 283 -31.14 -9.44 15.66
CA VAL B 283 -31.69 -10.80 15.75
C VAL B 283 -31.74 -11.49 14.38
N ASN B 284 -31.10 -12.65 14.28
CA ASN B 284 -31.15 -13.45 13.06
C ASN B 284 -32.46 -14.21 12.95
N GLU B 285 -33.22 -13.92 11.90
CA GLU B 285 -34.46 -14.64 11.59
C GLU B 285 -34.24 -15.47 10.32
N ARG B 286 -35.29 -16.13 9.84
CA ARG B 286 -35.18 -16.95 8.63
C ARG B 286 -35.06 -16.09 7.37
N ASP B 287 -33.93 -16.21 6.69
CA ASP B 287 -33.71 -15.48 5.44
C ASP B 287 -33.47 -13.96 5.61
N ALA B 288 -33.52 -13.48 6.84
CA ALA B 288 -33.33 -12.05 7.13
C ALA B 288 -32.83 -11.81 8.56
N ALA B 289 -32.41 -10.57 8.82
CA ALA B 289 -32.03 -10.16 10.17
C ALA B 289 -32.78 -8.89 10.58
N ARG B 290 -33.16 -8.81 11.85
CA ARG B 290 -33.91 -7.67 12.37
C ARG B 290 -33.05 -6.81 13.28
N VAL B 291 -32.97 -5.53 12.97
CA VAL B 291 -32.17 -4.58 13.75
C VAL B 291 -33.10 -3.61 14.47
N THR B 292 -32.95 -3.52 15.79
CA THR B 292 -33.79 -2.64 16.60
C THR B 292 -33.02 -1.49 17.25
N ALA B 293 -33.49 -0.27 17.03
CA ALA B 293 -32.93 0.93 17.64
C ALA B 293 -33.28 1.01 19.13
N ARG B 294 -32.57 1.85 19.87
CA ARG B 294 -32.84 2.06 21.30
C ARG B 294 -34.30 2.47 21.53
N ASP B 295 -34.85 3.26 20.60
CA ASP B 295 -36.20 3.81 20.73
C ASP B 295 -37.28 2.86 20.19
N GLY B 296 -36.89 1.64 19.85
CA GLY B 296 -37.83 0.60 19.42
C GLY B 296 -38.02 0.40 17.93
N ARG B 297 -37.54 1.35 17.12
CA ARG B 297 -37.63 1.25 15.65
C ARG B 297 -37.00 -0.06 15.15
N GLU B 298 -37.68 -0.71 14.21
CA GLU B 298 -37.18 -1.97 13.65
C GLU B 298 -36.88 -1.83 12.17
N PHE B 299 -35.78 -2.46 11.75
CA PHE B 299 -35.36 -2.47 10.35
C PHE B 299 -34.97 -3.90 9.99
N VAL B 300 -35.32 -4.30 8.77
CA VAL B 300 -35.08 -5.68 8.34
C VAL B 300 -34.32 -5.70 7.02
N ALA B 301 -33.36 -6.61 6.92
CA ALA B 301 -32.57 -6.79 5.70
C ALA B 301 -32.13 -8.22 5.60
N LYS B 302 -31.76 -8.64 4.39
CA LYS B 302 -31.26 -9.99 4.14
C LYS B 302 -29.97 -10.26 4.92
N ARG B 303 -29.07 -9.28 4.93
CA ARG B 303 -27.80 -9.38 5.66
C ARG B 303 -27.54 -8.09 6.43
N VAL B 304 -26.75 -8.21 7.49
CA VAL B 304 -26.33 -7.08 8.28
C VAL B 304 -24.80 -7.02 8.33
N VAL B 305 -24.23 -5.85 8.07
CA VAL B 305 -22.82 -5.61 8.31
C VAL B 305 -22.71 -4.78 9.59
N CYS B 306 -22.24 -5.41 10.66
CA CYS B 306 -22.11 -4.71 11.94
C CYS B 306 -20.70 -4.18 12.12
N THR B 307 -20.56 -2.85 12.17
CA THR B 307 -19.25 -2.20 12.33
C THR B 307 -19.03 -1.59 13.71
N ILE B 308 -19.93 -1.86 14.64
CA ILE B 308 -19.81 -1.38 16.02
C ILE B 308 -18.44 -1.79 16.58
N PRO B 309 -17.71 -0.85 17.23
CA PRO B 309 -16.36 -1.18 17.74
C PRO B 309 -16.37 -2.27 18.80
N LEU B 310 -15.26 -2.98 18.94
CA LEU B 310 -15.10 -4.02 19.96
C LEU B 310 -15.52 -3.58 21.36
N ASN B 311 -15.06 -2.41 21.80
CA ASN B 311 -15.31 -1.94 23.17
C ASN B 311 -16.76 -1.48 23.40
N VAL B 312 -17.56 -1.53 22.35
CA VAL B 312 -18.97 -1.14 22.41
C VAL B 312 -19.91 -2.33 22.21
N LEU B 313 -19.38 -3.45 21.68
CA LEU B 313 -20.22 -4.60 21.33
C LEU B 313 -20.97 -5.23 22.49
N SER B 314 -20.47 -5.10 23.71
CA SER B 314 -21.13 -5.69 24.89
C SER B 314 -22.46 -5.02 25.23
N THR B 315 -22.73 -3.87 24.61
CA THR B 315 -23.98 -3.14 24.82
C THR B 315 -25.12 -3.65 23.92
N ILE B 316 -24.79 -4.56 23.01
CA ILE B 316 -25.73 -5.01 21.98
C ILE B 316 -26.27 -6.42 22.27
N GLN B 317 -27.53 -6.65 21.93
CA GLN B 317 -28.14 -7.99 22.02
C GLN B 317 -28.21 -8.72 20.67
N PHE B 318 -27.51 -9.80 20.64
CA PHE B 318 -27.42 -10.63 19.50
C PHE B 318 -28.11 -11.90 19.85
N SER B 319 -28.84 -12.38 18.89
CA SER B 319 -29.30 -13.71 18.97
C SER B 319 -29.23 -14.12 17.55
N PRO B 320 -28.57 -15.22 17.31
CA PRO B 320 -28.06 -16.08 18.35
C PRO B 320 -26.86 -15.54 19.11
N ALA B 321 -26.62 -16.12 20.26
CA ALA B 321 -25.53 -15.73 21.15
C ALA B 321 -24.18 -15.74 20.44
N LEU B 322 -23.34 -14.74 20.72
CA LEU B 322 -22.00 -14.66 20.15
C LEU B 322 -21.09 -15.74 20.71
N SER B 323 -20.00 -16.03 19.99
CA SER B 323 -19.06 -17.09 20.39
C SER B 323 -18.27 -16.73 21.65
N THR B 324 -17.63 -17.75 22.24
CA THR B 324 -16.86 -17.60 23.48
C THR B 324 -15.72 -16.59 23.32
N GLU B 325 -15.01 -16.67 22.19
CA GLU B 325 -13.85 -15.82 21.91
C GLU B 325 -14.28 -14.36 21.71
N ARG B 326 -15.40 -14.18 21.01
CA ARG B 326 -15.97 -12.85 20.79
C ARG B 326 -16.35 -12.22 22.12
N ILE B 327 -17.02 -12.99 22.99
CA ILE B 327 -17.43 -12.52 24.31
C ILE B 327 -16.22 -12.16 25.20
N SER B 328 -15.20 -13.01 25.22
CA SER B 328 -14.03 -12.76 26.07
C SER B 328 -13.28 -11.50 25.64
N ALA B 329 -13.14 -11.32 24.33
CA ALA B 329 -12.52 -10.11 23.77
C ALA B 329 -13.30 -8.86 24.17
N MET B 330 -14.62 -8.97 24.07
CA MET B 330 -15.55 -7.87 24.35
C MET B 330 -15.54 -7.44 25.81
N GLN B 331 -15.45 -8.44 26.69
CA GLN B 331 -15.51 -8.19 28.13
C GLN B 331 -14.18 -7.66 28.66
N ALA B 332 -13.08 -8.19 28.12
CA ALA B 332 -11.75 -7.70 28.46
C ALA B 332 -11.58 -6.28 27.91
N GLY B 333 -11.88 -6.12 26.63
CA GLY B 333 -11.78 -4.84 25.95
C GLY B 333 -10.34 -4.53 25.57
N HIS B 334 -10.17 -3.72 24.52
CA HIS B 334 -8.83 -3.27 24.14
C HIS B 334 -8.36 -2.15 25.08
N VAL B 335 -7.07 -1.85 25.03
CA VAL B 335 -6.43 -1.02 26.07
C VAL B 335 -6.19 0.44 25.70
N SER B 336 -6.46 0.84 24.46
CA SER B 336 -6.18 2.21 24.06
C SER B 336 -7.19 3.21 24.62
N MET B 337 -6.74 3.99 25.58
CA MET B 337 -7.53 5.05 26.17
C MET B 337 -6.89 6.40 25.84
N CYS B 338 -6.34 6.50 24.64
CA CYS B 338 -5.61 7.71 24.23
C CYS B 338 -6.41 9.00 24.43
N THR B 339 -5.76 9.96 25.07
CA THR B 339 -6.24 11.34 25.13
C THR B 339 -5.47 12.16 24.09
N LYS B 340 -6.20 12.77 23.16
CA LYS B 340 -5.59 13.55 22.09
C LYS B 340 -6.09 14.99 22.17
N VAL B 341 -5.18 15.90 22.50
CA VAL B 341 -5.52 17.29 22.71
C VAL B 341 -4.76 18.19 21.74
N HIS B 342 -5.52 18.98 20.98
CA HIS B 342 -4.93 19.99 20.10
C HIS B 342 -4.82 21.31 20.85
N ALA B 343 -3.66 21.94 20.75
CA ALA B 343 -3.47 23.28 21.31
C ALA B 343 -2.95 24.24 20.25
N GLU B 344 -3.68 25.34 20.06
CA GLU B 344 -3.17 26.48 19.29
C GLU B 344 -2.45 27.42 20.24
N VAL B 345 -1.15 27.60 20.04
CA VAL B 345 -0.28 28.32 20.96
C VAL B 345 0.37 29.54 20.31
N ASP B 346 0.74 30.53 21.11
CA ASP B 346 1.20 31.81 20.58
C ASP B 346 2.69 31.89 20.31
N ASN B 347 3.39 30.76 20.43
CA ASN B 347 4.82 30.68 20.11
C ASN B 347 5.00 30.17 18.67
N LYS B 348 5.32 31.09 17.75
CA LYS B 348 5.51 30.77 16.33
C LYS B 348 6.67 29.82 16.07
N ASP B 349 7.70 29.91 16.91
CA ASP B 349 8.92 29.13 16.74
C ASP B 349 8.78 27.65 17.11
N MET B 350 7.66 27.29 17.74
CA MET B 350 7.42 25.89 18.09
C MET B 350 6.87 25.03 16.95
N ARG B 351 6.77 25.59 15.76
CA ARG B 351 6.37 24.81 14.57
C ARG B 351 7.28 23.59 14.42
N SER B 352 8.56 23.80 14.74
CA SER B 352 9.61 22.80 14.55
C SER B 352 10.01 22.12 15.86
N TRP B 353 9.12 22.17 16.84
CA TRP B 353 9.35 21.57 18.16
C TRP B 353 8.69 20.18 18.25
N THR B 354 9.36 19.26 18.94
CA THR B 354 8.72 18.01 19.37
C THR B 354 9.08 17.81 20.84
N GLY B 355 8.25 17.05 21.55
CA GLY B 355 8.45 16.85 22.99
C GLY B 355 7.99 15.49 23.48
N ILE B 356 8.72 14.98 24.47
CA ILE B 356 8.28 13.83 25.28
C ILE B 356 8.44 14.25 26.73
N ALA B 357 7.35 14.17 27.49
CA ALA B 357 7.37 14.43 28.94
C ALA B 357 6.82 13.19 29.63
N TYR B 358 7.69 12.48 30.35
CA TYR B 358 7.39 11.13 30.81
C TYR B 358 8.23 10.76 32.02
N PRO B 359 7.62 10.13 33.05
CA PRO B 359 6.23 9.67 33.12
C PRO B 359 5.29 10.57 33.94
N PHE B 360 5.77 11.75 34.33
CA PHE B 360 5.11 12.60 35.31
C PHE B 360 3.92 13.41 34.79
N ASN B 361 3.75 13.44 33.47
CA ASN B 361 2.76 14.32 32.84
C ASN B 361 1.60 13.55 32.23
N LYS B 362 0.41 14.16 32.26
CA LYS B 362 -0.78 13.49 31.72
C LYS B 362 -0.91 13.52 30.19
N LEU B 363 -0.04 14.31 29.55
CA LEU B 363 0.20 14.22 28.11
C LEU B 363 1.69 13.99 27.93
N CYS B 364 2.05 12.91 27.24
CA CYS B 364 3.46 12.46 27.25
C CYS B 364 4.23 12.66 25.95
N TYR B 365 3.53 12.83 24.84
CA TYR B 365 4.15 12.93 23.52
C TYR B 365 3.44 14.05 22.79
N ALA B 366 4.20 14.97 22.20
CA ALA B 366 3.61 16.06 21.41
C ALA B 366 4.50 16.52 20.26
N ILE B 367 3.87 17.04 19.20
CA ILE B 367 4.59 17.61 18.07
C ILE B 367 3.98 18.94 17.59
N GLY B 368 4.81 19.81 17.04
CA GLY B 368 4.36 20.92 16.19
C GLY B 368 3.81 20.29 14.92
N ASP B 369 2.56 20.61 14.59
CA ASP B 369 1.83 19.89 13.55
C ASP B 369 1.37 20.81 12.41
N GLY B 370 1.45 22.12 12.64
CA GLY B 370 1.02 23.07 11.61
C GLY B 370 1.03 24.49 12.11
N THR B 371 0.64 25.41 11.22
CA THR B 371 0.48 26.83 11.54
C THR B 371 -0.91 27.23 11.07
N THR B 372 -1.67 27.89 11.94
CA THR B 372 -3.04 28.30 11.59
C THR B 372 -2.98 29.57 10.72
N PRO B 373 -4.10 29.92 10.05
CA PRO B 373 -4.02 31.16 9.26
C PRO B 373 -3.69 32.39 10.11
N ALA B 374 -4.07 32.37 11.39
CA ALA B 374 -3.74 33.44 12.34
C ALA B 374 -2.27 33.44 12.76
N GLY B 375 -1.50 32.51 12.21
CA GLY B 375 -0.04 32.49 12.39
C GLY B 375 0.44 31.84 13.67
N ASN B 376 -0.46 31.14 14.36
CA ASN B 376 -0.12 30.43 15.58
C ASN B 376 0.31 28.99 15.31
N THR B 377 1.18 28.46 16.16
CA THR B 377 1.60 27.07 16.05
C THR B 377 0.51 26.14 16.59
N HIS B 378 0.23 25.09 15.82
CA HIS B 378 -0.64 24.03 16.26
C HIS B 378 0.18 22.88 16.83
N LEU B 379 -0.06 22.58 18.11
CA LEU B 379 0.51 21.41 18.77
C LEU B 379 -0.53 20.31 18.90
N VAL B 380 -0.12 19.08 18.60
CA VAL B 380 -0.96 17.91 18.89
C VAL B 380 -0.32 17.09 20.01
N CYS B 381 -1.10 16.83 21.05
CA CYS B 381 -0.59 16.24 22.29
C CYS B 381 -1.30 14.93 22.60
N PHE B 382 -0.54 13.94 23.04
CA PHE B 382 -1.08 12.60 23.26
C PHE B 382 -0.82 12.11 24.69
N GLY B 383 -1.84 11.51 25.29
CA GLY B 383 -1.73 10.94 26.64
C GLY B 383 -2.26 9.52 26.64
N ASN B 384 -1.83 8.72 27.61
CA ASN B 384 -2.20 7.31 27.66
C ASN B 384 -2.77 6.91 29.02
N SER B 385 -3.07 5.62 29.19
CA SER B 385 -3.64 5.12 30.44
C SER B 385 -2.67 5.11 31.63
N ALA B 386 -1.38 5.10 31.35
CA ALA B 386 -0.35 5.08 32.41
C ALA B 386 -0.39 6.33 33.30
N ASN B 387 -0.72 7.47 32.70
CA ASN B 387 -0.93 8.70 33.44
C ASN B 387 -2.00 9.51 32.71
N HIS B 388 -3.25 9.21 33.08
CA HIS B 388 -4.39 9.57 32.25
C HIS B 388 -5.09 10.86 32.69
N ILE B 389 -5.56 11.63 31.70
CA ILE B 389 -6.41 12.79 31.94
C ILE B 389 -7.65 12.70 31.03
N GLN B 390 -8.81 13.03 31.59
CA GLN B 390 -10.01 13.24 30.81
C GLN B 390 -10.04 14.71 30.47
N PRO B 391 -9.77 15.08 29.23
CA PRO B 391 -9.52 16.49 28.90
C PRO B 391 -10.68 17.46 29.20
N ASP B 392 -11.90 16.93 29.19
CA ASP B 392 -13.10 17.71 29.40
C ASP B 392 -13.38 18.07 30.86
N GLU B 393 -12.84 17.29 31.76
CA GLU B 393 -13.27 17.36 33.16
C GLU B 393 -12.81 18.60 33.93
N ASP B 394 -11.58 19.03 33.68
CA ASP B 394 -11.05 20.24 34.31
C ASP B 394 -10.06 20.90 33.36
N VAL B 395 -10.52 21.94 32.66
CA VAL B 395 -9.69 22.60 31.65
C VAL B 395 -8.40 23.18 32.24
N ARG B 396 -8.45 23.65 33.49
CA ARG B 396 -7.25 24.12 34.18
C ARG B 396 -6.19 23.03 34.23
N GLU B 397 -6.61 21.80 34.52
CA GLU B 397 -5.71 20.65 34.57
C GLU B 397 -5.23 20.26 33.16
N THR B 398 -6.12 20.36 32.18
CA THR B 398 -5.78 20.06 30.79
C THR B 398 -4.72 21.06 30.28
N LEU B 399 -4.94 22.34 30.58
CA LEU B 399 -3.99 23.39 30.21
C LEU B 399 -2.64 23.18 30.88
N LYS B 400 -2.67 22.72 32.13
CA LYS B 400 -1.44 22.40 32.88
C LYS B 400 -0.63 21.29 32.19
N ALA B 401 -1.32 20.23 31.78
CA ALA B 401 -0.68 19.10 31.09
C ALA B 401 -0.07 19.55 29.77
N VAL B 402 -0.78 20.41 29.04
CA VAL B 402 -0.27 20.97 27.78
C VAL B 402 0.98 21.80 28.07
N GLY B 403 0.86 22.71 29.04
CA GLY B 403 1.96 23.62 29.38
C GLY B 403 3.23 22.91 29.81
N GLN B 404 3.07 21.83 30.57
CA GLN B 404 4.22 21.08 31.12
C GLN B 404 5.05 20.33 30.06
N LEU B 405 4.53 20.24 28.83
CA LEU B 405 5.32 19.75 27.70
C LEU B 405 6.49 20.70 27.38
N ALA B 406 6.28 21.99 27.62
CA ALA B 406 7.32 23.00 27.39
C ALA B 406 7.08 24.21 28.28
N PRO B 407 7.39 24.09 29.59
CA PRO B 407 7.02 25.14 30.56
C PRO B 407 7.58 26.50 30.21
N GLY B 408 6.74 27.53 30.34
CA GLY B 408 7.16 28.92 30.18
C GLY B 408 7.48 29.36 28.77
N THR B 409 7.03 28.61 27.77
CA THR B 409 7.39 28.92 26.37
C THR B 409 6.23 29.42 25.53
N PHE B 410 5.00 29.19 25.98
CA PHE B 410 3.81 29.58 25.23
C PHE B 410 2.57 29.81 26.09
N GLY B 411 1.66 30.62 25.57
CA GLY B 411 0.29 30.71 26.06
C GLY B 411 -0.64 30.00 25.08
N VAL B 412 -1.72 29.41 25.60
CA VAL B 412 -2.69 28.67 24.81
C VAL B 412 -3.85 29.56 24.36
N LYS B 413 -4.06 29.64 23.04
CA LYS B 413 -5.17 30.41 22.49
C LYS B 413 -6.43 29.56 22.31
N ARG B 414 -6.25 28.25 22.14
CA ARG B 414 -7.35 27.36 21.84
C ARG B 414 -6.98 25.94 22.20
N LEU B 415 -7.94 25.20 22.74
CA LEU B 415 -7.87 23.75 22.86
C LEU B 415 -9.03 23.16 22.06
N VAL B 416 -8.76 22.03 21.39
CA VAL B 416 -9.77 21.29 20.64
C VAL B 416 -9.52 19.79 20.88
N PHE B 417 -10.57 19.06 21.22
CA PHE B 417 -10.45 17.62 21.50
C PHE B 417 -11.80 16.93 21.54
N HIS B 418 -11.78 15.61 21.33
CA HIS B 418 -12.93 14.76 21.57
C HIS B 418 -12.54 13.66 22.55
N ASN B 419 -13.38 13.43 23.54
CA ASN B 419 -13.07 12.43 24.54
C ASN B 419 -13.59 11.06 24.09
N TRP B 420 -12.66 10.25 23.55
CA TRP B 420 -12.97 8.91 23.04
C TRP B 420 -13.29 7.89 24.13
N VAL B 421 -12.64 8.04 25.28
CA VAL B 421 -12.80 7.12 26.40
C VAL B 421 -14.22 7.13 26.95
N LYS B 422 -14.77 8.34 27.10
CA LYS B 422 -16.10 8.51 27.69
C LYS B 422 -17.21 8.48 26.64
N ASP B 423 -16.81 8.39 25.37
CA ASP B 423 -17.73 8.31 24.24
C ASP B 423 -18.42 6.94 24.25
N GLU B 424 -19.74 6.95 24.44
CA GLU B 424 -20.51 5.70 24.51
C GLU B 424 -20.45 4.89 23.21
N PHE B 425 -20.14 5.54 22.09
CA PHE B 425 -20.06 4.83 20.80
C PHE B 425 -18.63 4.48 20.35
N ALA B 426 -17.68 4.69 21.25
CA ALA B 426 -16.30 4.27 21.02
C ALA B 426 -15.71 3.53 22.22
N LYS B 427 -15.88 4.12 23.41
CA LYS B 427 -15.41 3.53 24.68
C LYS B 427 -13.91 3.17 24.61
N GLY B 428 -13.13 4.10 24.10
CA GLY B 428 -11.71 3.89 23.85
C GLY B 428 -11.35 4.49 22.50
N ALA B 429 -10.06 4.48 22.19
CA ALA B 429 -9.53 5.06 20.96
C ALA B 429 -9.33 3.83 20.07
N TRP B 430 -8.45 3.97 19.07
CA TRP B 430 -8.09 2.86 18.21
C TRP B 430 -7.77 1.53 18.91
N PHE B 431 -8.04 0.42 18.26
CA PHE B 431 -7.72 -0.87 18.84
C PHE B 431 -6.25 -1.07 19.22
N PHE B 432 -5.99 -1.41 20.49
CA PHE B 432 -4.70 -1.99 20.84
C PHE B 432 -4.90 -3.08 21.88
N SER B 433 -4.27 -4.23 21.64
CA SER B 433 -4.60 -5.45 22.36
C SER B 433 -3.84 -5.66 23.66
N ARG B 434 -4.43 -6.49 24.52
CA ARG B 434 -3.80 -6.98 25.73
C ARG B 434 -2.89 -8.14 25.33
N PRO B 435 -1.87 -8.45 26.17
CA PRO B 435 -1.04 -9.63 25.86
C PRO B 435 -1.91 -10.86 25.64
N GLY B 436 -1.64 -11.59 24.56
CA GLY B 436 -2.38 -12.81 24.23
C GLY B 436 -3.73 -12.62 23.56
N MET B 437 -4.30 -11.42 23.62
CA MET B 437 -5.65 -11.16 23.09
C MET B 437 -5.81 -11.46 21.59
N VAL B 438 -4.90 -10.92 20.77
CA VAL B 438 -4.98 -11.15 19.32
C VAL B 438 -4.78 -12.62 18.93
N SER B 439 -3.75 -13.28 19.47
CA SER B 439 -3.54 -14.70 19.15
C SER B 439 -4.73 -15.56 19.59
N GLU B 440 -5.29 -15.24 20.75
CA GLU B 440 -6.44 -15.97 21.29
C GLU B 440 -7.76 -15.70 20.55
N CYS B 441 -8.00 -14.43 20.19
CA CYS B 441 -9.36 -14.00 19.81
C CYS B 441 -9.56 -13.56 18.37
N LEU B 442 -8.48 -13.32 17.63
CA LEU B 442 -8.61 -12.73 16.29
C LEU B 442 -9.52 -13.57 15.37
N GLN B 443 -9.30 -14.88 15.36
CA GLN B 443 -10.14 -15.79 14.55
C GLN B 443 -11.62 -15.64 14.92
N GLY B 444 -11.92 -15.71 16.21
CA GLY B 444 -13.30 -15.52 16.71
C GLY B 444 -13.91 -14.17 16.36
N LEU B 445 -13.10 -13.12 16.40
CA LEU B 445 -13.58 -11.77 16.06
C LEU B 445 -13.93 -11.62 14.58
N ARG B 446 -13.36 -12.49 13.74
CA ARG B 446 -13.52 -12.42 12.29
C ARG B 446 -14.51 -13.44 11.72
N GLU B 447 -14.97 -14.37 12.56
CA GLU B 447 -15.80 -15.51 12.13
C GLU B 447 -17.23 -15.13 11.71
N LYS B 448 -17.82 -15.97 10.85
CA LYS B 448 -19.23 -15.82 10.43
C LYS B 448 -20.19 -15.83 11.62
N HIS B 449 -21.35 -15.18 11.46
CA HIS B 449 -22.39 -15.21 12.46
C HIS B 449 -23.78 -15.16 11.82
N GLY B 450 -24.11 -16.22 11.09
CA GLY B 450 -25.41 -16.32 10.41
C GLY B 450 -25.54 -15.23 9.38
N GLY B 451 -26.51 -14.34 9.58
CA GLY B 451 -26.73 -13.21 8.68
C GLY B 451 -26.03 -11.92 9.07
N VAL B 452 -25.10 -12.02 10.02
CA VAL B 452 -24.34 -10.84 10.47
C VAL B 452 -22.86 -10.95 10.08
N VAL B 453 -22.36 -9.95 9.38
CA VAL B 453 -20.94 -9.83 9.08
C VAL B 453 -20.32 -8.80 10.04
N PHE B 454 -19.45 -9.26 10.93
CA PHE B 454 -18.77 -8.37 11.88
C PHE B 454 -17.50 -7.84 11.23
N ALA B 455 -17.43 -6.52 11.11
CA ALA B 455 -16.35 -5.86 10.39
C ALA B 455 -15.98 -4.57 11.09
N ASN B 456 -14.71 -4.45 11.45
CA ASN B 456 -14.18 -3.25 12.09
C ASN B 456 -12.66 -3.29 12.00
N SER B 457 -12.04 -2.12 11.92
CA SER B 457 -10.58 -2.01 11.96
C SER B 457 -9.99 -2.80 13.13
N ASP B 458 -10.74 -2.89 14.22
CA ASP B 458 -10.32 -3.59 15.46
C ASP B 458 -9.84 -5.02 15.22
N TRP B 459 -10.36 -5.69 14.20
CA TRP B 459 -9.96 -7.06 13.89
C TRP B 459 -9.54 -7.30 12.44
N ALA B 460 -9.01 -6.26 11.79
CA ALA B 460 -8.39 -6.42 10.48
C ALA B 460 -7.10 -7.26 10.58
N LEU B 461 -6.56 -7.65 9.43
CA LEU B 461 -5.34 -8.47 9.37
C LEU B 461 -4.05 -7.65 9.24
N GLY B 462 -4.10 -6.58 8.45
CA GLY B 462 -2.90 -5.82 8.11
C GLY B 462 -2.75 -4.65 9.06
N TRP B 463 -3.17 -3.47 8.60
CA TRP B 463 -3.13 -2.28 9.43
C TRP B 463 -4.31 -2.27 10.40
N ARG B 464 -4.39 -3.31 11.23
CA ARG B 464 -5.39 -3.41 12.30
C ARG B 464 -5.26 -2.20 13.21
N SER B 465 -6.42 -1.56 13.47
CA SER B 465 -6.56 -0.38 14.34
C SER B 465 -6.36 0.96 13.61
N PHE B 466 -6.14 0.89 12.29
CA PHE B 466 -5.86 2.07 11.49
C PHE B 466 -7.09 2.33 10.63
N ILE B 467 -7.19 3.55 10.08
CA ILE B 467 -8.17 3.84 9.04
C ILE B 467 -8.03 2.81 7.92
N ASP B 468 -6.78 2.45 7.61
CA ASP B 468 -6.54 1.45 6.58
C ASP B 468 -7.22 0.10 6.90
N GLY B 469 -7.10 -0.34 8.15
CA GLY B 469 -7.77 -1.56 8.61
C GLY B 469 -9.28 -1.50 8.53
N ALA B 470 -9.84 -0.31 8.76
CA ALA B 470 -11.28 -0.11 8.62
C ALA B 470 -11.70 -0.39 7.19
N ILE B 471 -10.92 0.12 6.24
CA ILE B 471 -11.23 -0.01 4.82
C ILE B 471 -11.01 -1.45 4.34
N GLU B 472 -9.93 -2.08 4.82
CA GLU B 472 -9.69 -3.51 4.58
C GLU B 472 -10.93 -4.33 4.96
N GLU B 473 -11.48 -4.01 6.13
CA GLU B 473 -12.58 -4.78 6.69
C GLU B 473 -13.92 -4.50 6.02
N GLY B 474 -14.16 -3.23 5.68
CA GLY B 474 -15.37 -2.84 4.93
C GLY B 474 -15.40 -3.51 3.56
N THR B 475 -14.24 -3.56 2.91
CA THR B 475 -14.05 -4.23 1.62
C THR B 475 -14.34 -5.72 1.74
N ARG B 476 -13.86 -6.34 2.82
CA ARG B 476 -14.13 -7.75 3.07
C ARG B 476 -15.64 -7.98 3.28
N ALA B 477 -16.25 -7.15 4.12
CA ALA B 477 -17.66 -7.27 4.45
C ALA B 477 -18.53 -7.24 3.18
N ALA B 478 -18.26 -6.28 2.29
CA ALA B 478 -19.01 -6.13 1.04
C ALA B 478 -18.84 -7.37 0.15
N ARG B 479 -17.62 -7.89 0.12
CA ARG B 479 -17.28 -9.08 -0.65
C ARG B 479 -18.08 -10.30 -0.14
N VAL B 480 -18.15 -10.47 1.18
CA VAL B 480 -18.90 -11.54 1.83
C VAL B 480 -20.39 -11.47 1.48
N VAL B 481 -20.98 -10.28 1.65
CA VAL B 481 -22.39 -10.07 1.38
C VAL B 481 -22.71 -10.35 -0.09
N LEU B 482 -21.92 -9.78 -1.00
CA LEU B 482 -22.10 -9.99 -2.43
C LEU B 482 -22.07 -11.48 -2.81
N GLU B 483 -21.10 -12.21 -2.25
CA GLU B 483 -20.98 -13.65 -2.50
C GLU B 483 -22.17 -14.43 -1.95
N GLU B 484 -22.63 -14.09 -0.74
CA GLU B 484 -23.74 -14.78 -0.10
C GLU B 484 -25.09 -14.48 -0.76
N LEU B 485 -25.28 -13.25 -1.22
CA LEU B 485 -26.53 -12.83 -1.86
C LEU B 485 -26.54 -12.99 -3.38
N GLY B 486 -25.37 -13.29 -3.95
CA GLY B 486 -25.24 -13.64 -5.37
C GLY B 486 -25.53 -12.51 -6.35
PA FAD C . 0.04 -4.99 -20.14
O1A FAD C . 0.15 -6.02 -19.25
O2A FAD C . 1.00 -4.88 -21.11
O5B FAD C . -1.28 -5.18 -20.82
C5B FAD C . -1.73 -4.57 -21.91
C4B FAD C . -1.87 -5.47 -23.17
O4B FAD C . -2.65 -4.90 -24.23
C3B FAD C . -2.32 -6.89 -23.48
O3B FAD C . -2.13 -7.94 -22.67
C2B FAD C . -1.52 -6.89 -24.76
O2B FAD C . -1.51 -8.10 -25.42
C1B FAD C . -2.53 -5.88 -25.33
N9A FAD C . -2.30 -5.36 -26.65
C8A FAD C . -1.24 -4.82 -27.14
N7A FAD C . -1.42 -4.45 -28.37
C5A FAD C . -2.65 -4.74 -28.66
C6A FAD C . -3.44 -4.60 -29.80
N6A FAD C . -2.95 -4.04 -30.86
N1A FAD C . -4.69 -5.01 -29.77
C2A FAD C . -5.15 -5.56 -28.70
N3A FAD C . -4.45 -5.72 -27.62
C4A FAD C . -3.20 -5.31 -27.57
N1 FAD C . 5.83 -5.73 -12.22
C2 FAD C . 5.77 -6.01 -10.90
O2 FAD C . 4.93 -5.52 -10.20
N3 FAD C . 6.68 -6.87 -10.36
C4 FAD C . 7.66 -7.45 -11.10
O4 FAD C . 8.41 -8.20 -10.58
C4X FAD C . 7.74 -7.17 -12.44
N5 FAD C . 8.71 -7.69 -13.22
C5X FAD C . 8.56 -7.66 -14.57
C6 FAD C . 9.35 -8.43 -15.35
C7 FAD C . 9.19 -8.44 -16.71
C7M FAD C . 10.10 -9.30 -17.55
C8 FAD C . 8.20 -7.68 -17.29
C8M FAD C . 8.03 -7.72 -18.79
C9 FAD C . 7.39 -6.89 -16.50
C9A FAD C . 7.57 -6.86 -15.14
N10 FAD C . 6.82 -6.06 -14.30
C10 FAD C . 6.79 -6.30 -12.98
C1' FAD C . 5.96 -5.02 -14.82
C2' FAD C . 4.74 -5.57 -15.58
O2' FAD C . 4.25 -6.78 -15.08
C3' FAD C . 3.72 -4.49 -16.12
O3' FAD C . 4.05 -3.20 -15.80
C4' FAD C . 2.21 -4.73 -15.95
O4' FAD C . 1.95 -6.05 -15.85
C5' FAD C . 1.47 -4.05 -17.12
O5' FAD C . 0.10 -4.10 -17.08
P FAD C . -0.65 -3.32 -18.07
O1P FAD C . -1.86 -3.79 -18.01
O2P FAD C . -0.65 -1.96 -17.80
O3P FAD C . -0.02 -3.60 -19.42
N PRO D . 11.62 -7.38 -11.13
CA PRO D . 12.07 -7.26 -12.51
C PRO D . 11.95 -8.58 -13.28
O PRO D . 11.28 -9.53 -12.85
CB PRO D . 13.53 -6.82 -12.38
CG PRO D . 13.88 -7.01 -10.94
CD PRO D . 12.61 -6.89 -10.18
OXT PRO D . 12.51 -8.72 -14.38
C1 EDO E . 9.97 -4.25 -12.58
O1 EDO E . 10.29 -4.95 -11.37
C2 EDO E . 8.93 -3.20 -12.23
O2 EDO E . 8.13 -2.95 -13.38
C1 EDO F . 1.03 15.87 -1.19
O1 EDO F . -0.34 15.47 -1.33
C2 EDO F . 1.50 16.43 -2.52
O2 EDO F . 1.52 15.36 -3.45
C1 EDO G . 2.37 -15.90 4.08
O1 EDO G . 1.18 -15.32 4.61
C2 EDO G . 2.19 -16.31 2.63
O2 EDO G . 1.51 -15.30 1.88
PA FAD H . -15.50 3.35 13.77
O1A FAD H . -14.97 4.43 13.12
O2A FAD H . -15.51 3.39 15.16
O5B FAD H . -16.84 3.19 13.23
C5B FAD H . -17.89 2.48 13.70
C4B FAD H . -19.02 3.31 14.38
O4B FAD H . -20.20 2.58 14.58
C3B FAD H . -19.83 4.54 14.09
O3B FAD H . -19.35 5.67 13.53
C2B FAD H . -20.08 4.62 15.59
O2B FAD H . -20.69 5.77 16.03
C1B FAD H . -21.04 3.46 15.33
N9A FAD H . -21.76 2.85 16.44
C8A FAD H . -21.32 2.47 17.61
N7A FAD H . -22.30 1.95 18.30
C5A FAD H . -23.38 2.02 17.59
C6A FAD H . -24.71 1.64 17.81
N6A FAD H . -25.06 1.09 18.93
N1A FAD H . -25.57 1.83 16.84
C2A FAD H . -25.20 2.38 15.70
N3A FAD H . -23.97 2.77 15.46
C4A FAD H . -23.04 2.58 16.38
N1 FAD H . -5.90 5.74 12.40
C2 FAD H . -5.03 6.08 11.41
O2 FAD H . -5.04 5.48 10.39
N3 FAD H . -4.16 7.11 11.60
C4 FAD H . -4.17 7.83 12.78
O4 FAD H . -3.41 8.74 12.94
C4X FAD H . -5.06 7.45 13.80
N5 FAD H . -5.07 8.08 15.02
C5X FAD H . -6.16 7.89 15.86
C6 FAD H . -6.35 8.72 16.94
C7 FAD H . -7.44 8.60 17.77
C7M FAD H . -7.65 9.51 18.95
C8 FAD H . -8.35 7.61 17.47
C8M FAD H . -9.56 7.46 18.36
C9 FAD H . -8.16 6.79 16.39
C9A FAD H . -7.06 6.90 15.58
N10 FAD H . -6.84 6.05 14.51
C10 FAD H . -5.92 6.41 13.57
C1' FAD H . -7.55 4.82 14.30
C2' FAD H . -9.02 5.07 13.87
O2' FAD H . -9.21 6.19 13.13
C3' FAD H . -9.97 3.82 13.61
O3' FAD H . -9.30 2.64 13.80
C4' FAD H . -10.88 3.79 12.38
O4' FAD H . -11.29 5.05 12.04
C5' FAD H . -12.05 2.86 12.72
O5' FAD H . -12.96 2.70 11.75
P FAD H . -14.12 1.72 11.94
O1P FAD H . -15.05 2.05 10.94
O2P FAD H . -13.64 0.42 11.83
O3P FAD H . -14.75 2.08 13.31
N PRO I . -1.77 8.12 15.70
CA PRO I . -2.35 8.16 17.04
C PRO I . -3.14 9.45 17.31
O PRO I . -3.56 9.73 18.43
CB PRO I . -1.13 8.06 17.97
CG PRO I . 0.02 8.53 17.15
CD PRO I . -0.29 8.18 15.73
OXT PRO I . -3.38 10.25 16.38
C1 EDO J . -3.46 3.71 14.75
O1 EDO J . -4.80 3.25 14.95
C2 EDO J . -3.23 4.93 15.62
O2 EDO J . -2.19 5.70 15.00
C1 EDO K . 4.04 24.67 7.65
O1 EDO K . 2.97 24.00 8.34
C2 EDO K . 3.98 26.17 7.96
O2 EDO K . 4.50 26.43 9.27
C1 EDO L . -14.54 0.49 -5.37
O1 EDO L . -14.59 -0.84 -4.82
C2 EDO L . -15.61 0.63 -6.44
O2 EDO L . -16.85 0.19 -5.90
#